data_5TI8
#
_entry.id   5TI8
#
_cell.length_a   76.444
_cell.length_b   95.429
_cell.length_c   114.449
_cell.angle_alpha   90.00
_cell.angle_beta   100.21
_cell.angle_gamma   90.00
#
_symmetry.space_group_name_H-M   'I 1 2 1'
#
loop_
_entity.id
_entity.type
_entity.pdbx_description
1 polymer Aminotransferase
2 non-polymer 'CALCIUM ION'
3 water water
#
_entity_poly.entity_id   1
_entity_poly.type   'polypeptide(L)'
_entity_poly.pdbx_seq_one_letter_code
;MGSSHHHHHHSSGLVPRGSHMTKQTSAQTQHWQALSREHHLAPFTDYKQLNEKGARIITKAEGVYLWDSEGNKILDGMAG
LWCMNVGYGRKELAEVAYKQMLELPYYNLFFQTAHPPALELAKAIADIAPEGMNHVFFTGSGSESNDTVLRMVRHYWSIK
GKPQKKVVIGRWNGYHGSTVAGVSLGGMKALHSQGDLPIPGIVHIAQPYWYGEGGDMSAEEFGVWAAEQLEKKILEVGEE
NVAAFIAEPIQGAGGVIVPPDTYWPKIREILAKYEILFIADEVICGFGRTGEWFGSQYYGNAPDLMPIAKGLTSGYIPMG
GVIVRDEIVDTLNEGGEFYHGFTYSGHPVAAAVALENIRILREEKIVETVKAETAPYLQKRWQELADHPLVGEARGVGMV
GALELVKNKKTRERFENGVGMLCREHCFRNGLIMRAVGDTMIISPPLVITKPEIDELITLARKCLDQTAAVALS
;
_entity_poly.pdbx_strand_id   A,B
#
loop_
_chem_comp.id
_chem_comp.type
_chem_comp.name
_chem_comp.formula
CA non-polymer 'CALCIUM ION' 'Ca 2'
#
# COMPACT_ATOMS: atom_id res chain seq x y z
N ARG A 56 20.22 -21.61 5.24
CA ARG A 56 19.92 -21.81 3.78
C ARG A 56 19.62 -20.47 3.10
N ILE A 57 20.25 -20.25 1.95
CA ILE A 57 20.23 -18.96 1.27
C ILE A 57 19.79 -19.17 -0.16
N ILE A 58 18.82 -18.37 -0.61
CA ILE A 58 18.23 -18.62 -1.91
C ILE A 58 18.91 -17.76 -2.94
N THR A 59 19.29 -18.35 -4.07
CA THR A 59 20.00 -17.63 -5.11
C THR A 59 19.24 -17.54 -6.38
N LYS A 60 18.43 -18.55 -6.72
CA LYS A 60 17.50 -18.40 -7.84
C LYS A 60 16.19 -19.11 -7.65
N ALA A 61 15.25 -18.80 -8.53
CA ALA A 61 13.93 -19.39 -8.47
C ALA A 61 13.35 -19.55 -9.86
N GLU A 62 12.66 -20.66 -10.13
CA GLU A 62 12.08 -20.86 -11.43
C GLU A 62 10.95 -21.89 -11.37
N GLY A 63 9.82 -21.59 -12.01
CA GLY A 63 8.61 -22.41 -11.94
C GLY A 63 8.13 -22.46 -10.48
N VAL A 64 8.06 -23.65 -9.93
CA VAL A 64 7.74 -23.89 -8.54
C VAL A 64 8.94 -24.07 -7.63
N TYR A 65 10.14 -23.90 -8.15
CA TYR A 65 11.37 -24.22 -7.38
C TYR A 65 12.22 -23.04 -7.01
N LEU A 66 12.76 -23.09 -5.81
CA LEU A 66 13.82 -22.23 -5.36
C LEU A 66 15.10 -23.09 -5.40
N TRP A 67 16.25 -22.44 -5.57
CA TRP A 67 17.55 -23.10 -5.43
C TRP A 67 18.33 -22.38 -4.39
N ASP A 68 18.85 -23.11 -3.41
CA ASP A 68 19.73 -22.51 -2.41
C ASP A 68 21.16 -22.37 -2.97
N SER A 69 22.05 -21.72 -2.23
CA SER A 69 23.41 -21.41 -2.72
C SER A 69 24.23 -22.66 -3.07
N GLU A 70 23.94 -23.79 -2.40
CA GLU A 70 24.57 -25.07 -2.71
C GLU A 70 23.97 -25.88 -3.83
N GLY A 71 22.93 -25.35 -4.52
CA GLY A 71 22.27 -26.07 -5.60
C GLY A 71 21.15 -27.02 -5.18
N ASN A 72 20.78 -27.08 -3.91
CA ASN A 72 19.59 -27.90 -3.51
C ASN A 72 18.26 -27.20 -3.96
N LYS A 73 17.34 -27.98 -4.48
CA LYS A 73 16.06 -27.46 -5.01
C LYS A 73 15.06 -27.57 -3.92
N ILE A 74 14.28 -26.50 -3.72
CA ILE A 74 13.23 -26.48 -2.73
C ILE A 74 11.91 -26.27 -3.50
N LEU A 75 10.95 -27.13 -3.26
CA LEU A 75 9.65 -26.99 -3.91
C LEU A 75 8.83 -26.02 -3.06
N ASP A 76 8.49 -24.87 -3.63
CA ASP A 76 7.77 -23.85 -2.86
C ASP A 76 6.29 -24.18 -2.95
N GLY A 77 5.85 -24.97 -1.99
CA GLY A 77 4.47 -25.37 -1.89
C GLY A 77 3.52 -24.26 -1.44
N MET A 78 4.06 -23.09 -1.06
CA MET A 78 3.26 -21.95 -0.60
C MET A 78 3.23 -20.78 -1.60
N ALA A 79 3.90 -20.91 -2.75
CA ALA A 79 3.88 -19.86 -3.77
C ALA A 79 4.23 -18.48 -3.19
N GLY A 80 5.38 -18.46 -2.52
CA GLY A 80 5.88 -17.27 -1.80
C GLY A 80 4.97 -17.04 -0.62
N LEU A 81 4.04 -16.10 -0.75
CA LEU A 81 2.99 -16.02 0.30
C LEU A 81 1.66 -16.04 -0.40
N TRP A 82 1.29 -17.22 -0.87
CA TRP A 82 0.05 -17.47 -1.53
C TRP A 82 -0.17 -16.62 -2.75
N CYS A 83 0.92 -16.18 -3.39
CA CYS A 83 0.83 -15.16 -4.41
C CYS A 83 1.54 -15.42 -5.77
N MET A 84 2.52 -16.32 -5.84
N MET A 84 2.53 -16.31 -5.83
CA MET A 84 3.35 -16.46 -7.03
CA MET A 84 3.34 -16.47 -7.03
C MET A 84 2.62 -17.38 -7.99
C MET A 84 2.62 -17.38 -7.99
N ASN A 85 1.49 -16.90 -8.51
CA ASN A 85 0.55 -17.78 -9.17
C ASN A 85 1.04 -18.29 -10.55
N VAL A 86 1.76 -17.47 -11.30
CA VAL A 86 2.35 -17.89 -12.56
C VAL A 86 3.71 -18.48 -12.37
N GLY A 87 4.10 -18.72 -11.13
CA GLY A 87 5.43 -19.20 -10.88
C GLY A 87 6.55 -18.20 -10.96
N TYR A 88 7.73 -18.69 -10.61
CA TYR A 88 8.91 -17.86 -10.63
C TYR A 88 9.51 -17.88 -12.03
N GLY A 89 10.29 -16.85 -12.30
CA GLY A 89 11.09 -16.72 -13.50
C GLY A 89 10.35 -16.32 -14.74
N ARG A 90 9.18 -15.67 -14.65
CA ARG A 90 8.43 -15.23 -15.84
C ARG A 90 8.98 -13.94 -16.39
N LYS A 91 9.88 -14.10 -17.35
CA LYS A 91 10.56 -13.03 -18.02
C LYS A 91 9.65 -11.90 -18.49
N GLU A 92 8.45 -12.25 -18.95
CA GLU A 92 7.56 -11.26 -19.53
C GLU A 92 7.22 -10.14 -18.55
N LEU A 93 7.08 -10.53 -17.29
CA LEU A 93 6.73 -9.60 -16.24
C LEU A 93 7.84 -8.62 -15.95
N ALA A 94 9.07 -9.08 -15.89
CA ALA A 94 10.20 -8.22 -15.72
C ALA A 94 10.36 -7.29 -16.93
N GLU A 95 10.15 -7.84 -18.13
CA GLU A 95 10.28 -6.99 -19.34
C GLU A 95 9.27 -5.84 -19.37
N VAL A 96 8.00 -6.16 -19.07
CA VAL A 96 7.01 -5.07 -19.05
C VAL A 96 7.28 -4.06 -17.96
N ALA A 97 7.75 -4.48 -16.80
CA ALA A 97 8.14 -3.48 -15.76
C ALA A 97 9.26 -2.61 -16.27
N TYR A 98 10.28 -3.21 -16.83
CA TYR A 98 11.45 -2.48 -17.32
C TYR A 98 11.01 -1.39 -18.33
N LYS A 99 10.24 -1.78 -19.33
CA LYS A 99 9.78 -0.87 -20.38
C LYS A 99 8.88 0.23 -19.80
N GLN A 100 7.92 -0.13 -18.96
CA GLN A 100 7.09 0.92 -18.35
C GLN A 100 7.92 1.90 -17.52
N MET A 101 8.89 1.38 -16.78
CA MET A 101 9.72 2.24 -15.93
C MET A 101 10.58 3.25 -16.70
N LEU A 102 11.13 2.79 -17.80
CA LEU A 102 11.97 3.65 -18.64
C LEU A 102 11.14 4.62 -19.42
N GLU A 103 10.03 4.14 -19.98
CA GLU A 103 9.21 4.98 -20.83
C GLU A 103 8.40 6.02 -20.03
N LEU A 104 7.43 5.57 -19.26
CA LEU A 104 6.54 6.47 -18.53
C LEU A 104 6.18 5.85 -17.17
N PRO A 105 7.05 6.05 -16.19
CA PRO A 105 6.87 5.29 -14.96
C PRO A 105 5.67 5.71 -14.16
N TYR A 106 5.25 6.97 -14.25
CA TYR A 106 4.29 7.48 -13.30
C TYR A 106 3.32 8.51 -13.93
N TYR A 107 2.38 9.01 -13.16
CA TYR A 107 1.49 10.08 -13.62
C TYR A 107 2.14 11.45 -13.58
N ASN A 108 1.65 12.34 -14.45
CA ASN A 108 1.91 13.74 -14.31
C ASN A 108 0.58 14.47 -14.19
N LEU A 109 0.61 15.72 -13.78
CA LEU A 109 -0.62 16.44 -13.46
C LEU A 109 -1.44 16.86 -14.67
N PHE A 110 -0.82 16.97 -15.84
CA PHE A 110 -1.48 17.67 -16.97
C PHE A 110 -1.96 16.76 -18.10
N PHE A 111 -1.09 15.86 -18.57
CA PHE A 111 -1.33 15.12 -19.78
C PHE A 111 -1.29 13.65 -19.57
N GLN A 112 -2.17 12.98 -20.28
CA GLN A 112 -2.29 11.56 -20.16
C GLN A 112 -1.23 10.89 -20.99
N THR A 113 -0.99 9.64 -20.67
CA THR A 113 -0.02 8.83 -21.39
C THR A 113 -0.70 8.00 -22.49
N ALA A 114 0.13 7.45 -23.37
CA ALA A 114 -0.30 6.80 -24.61
C ALA A 114 -1.40 5.75 -24.37
N HIS A 115 -1.04 4.70 -23.65
CA HIS A 115 -1.98 3.60 -23.38
C HIS A 115 -1.86 3.33 -21.89
N PRO A 116 -2.55 4.11 -21.05
CA PRO A 116 -2.30 3.97 -19.60
C PRO A 116 -2.60 2.55 -19.13
N PRO A 117 -1.59 1.87 -18.58
CA PRO A 117 -1.80 0.50 -18.20
C PRO A 117 -2.89 0.33 -17.13
N ALA A 118 -3.07 1.33 -16.27
CA ALA A 118 -4.07 1.15 -15.22
C ALA A 118 -5.50 1.06 -15.77
N LEU A 119 -5.77 1.81 -16.84
CA LEU A 119 -7.08 1.77 -17.49
C LEU A 119 -7.33 0.39 -18.15
N GLU A 120 -6.33 -0.10 -18.91
CA GLU A 120 -6.45 -1.44 -19.47
C GLU A 120 -6.58 -2.50 -18.43
N LEU A 121 -5.87 -2.33 -17.33
CA LEU A 121 -5.98 -3.30 -16.26
C LEU A 121 -7.39 -3.30 -15.68
N ALA A 122 -7.94 -2.12 -15.42
CA ALA A 122 -9.31 -2.06 -14.91
C ALA A 122 -10.31 -2.79 -15.84
N LYS A 123 -10.20 -2.56 -17.15
CA LYS A 123 -11.03 -3.33 -18.14
C LYS A 123 -10.75 -4.83 -18.06
N ALA A 124 -9.47 -5.20 -18.07
CA ALA A 124 -9.15 -6.61 -17.94
C ALA A 124 -9.75 -7.24 -16.67
N ILE A 125 -9.71 -6.55 -15.53
CA ILE A 125 -10.29 -7.16 -14.30
C ILE A 125 -11.83 -7.22 -14.36
N ALA A 126 -12.45 -6.15 -14.87
CA ALA A 126 -13.92 -6.15 -15.13
C ALA A 126 -14.37 -7.36 -15.96
N ASP A 127 -13.57 -7.79 -16.93
CA ASP A 127 -13.89 -8.98 -17.75
C ASP A 127 -13.78 -10.33 -17.04
N ILE A 128 -13.02 -10.43 -15.94
CA ILE A 128 -12.99 -11.69 -15.22
C ILE A 128 -13.62 -11.68 -13.85
N ALA A 129 -14.04 -10.51 -13.37
CA ALA A 129 -14.61 -10.40 -12.03
C ALA A 129 -16.02 -10.92 -12.05
N PRO A 130 -16.58 -11.20 -10.86
CA PRO A 130 -17.96 -11.60 -10.84
C PRO A 130 -18.85 -10.57 -11.55
N GLU A 131 -19.92 -11.06 -12.12
CA GLU A 131 -20.71 -10.21 -13.05
C GLU A 131 -21.33 -9.05 -12.30
N GLY A 132 -21.26 -7.86 -12.87
CA GLY A 132 -21.84 -6.65 -12.24
C GLY A 132 -20.83 -5.86 -11.38
N MET A 133 -19.57 -6.32 -11.35
CA MET A 133 -18.52 -5.71 -10.63
C MET A 133 -17.51 -5.21 -11.62
N ASN A 134 -17.72 -4.00 -12.12
CA ASN A 134 -16.87 -3.54 -13.24
C ASN A 134 -16.07 -2.34 -12.91
N HIS A 135 -15.93 -2.02 -11.63
CA HIS A 135 -15.09 -0.94 -11.18
C HIS A 135 -14.00 -1.56 -10.28
N VAL A 136 -12.80 -1.03 -10.43
CA VAL A 136 -11.69 -1.44 -9.55
C VAL A 136 -10.90 -0.23 -9.10
N PHE A 137 -10.62 -0.15 -7.81
CA PHE A 137 -9.85 0.97 -7.22
C PHE A 137 -8.55 0.33 -6.80
N PHE A 138 -7.43 0.89 -7.20
CA PHE A 138 -6.11 0.30 -6.88
C PHE A 138 -5.52 0.86 -5.59
N THR A 139 -4.70 0.04 -4.94
CA THR A 139 -4.02 0.34 -3.72
C THR A 139 -2.60 -0.23 -3.77
N GLY A 140 -1.87 -0.08 -2.69
CA GLY A 140 -0.45 -0.55 -2.62
C GLY A 140 -0.31 -2.01 -2.17
N SER A 141 -1.35 -2.55 -1.54
CA SER A 141 -1.26 -3.81 -0.92
C SER A 141 -2.62 -4.32 -0.53
N GLY A 142 -2.69 -5.61 -0.25
CA GLY A 142 -3.86 -6.21 0.40
C GLY A 142 -4.31 -5.62 1.73
N SER A 143 -3.39 -5.28 2.63
CA SER A 143 -3.88 -4.64 3.89
C SER A 143 -4.38 -3.23 3.63
N GLU A 144 -3.83 -2.54 2.62
CA GLU A 144 -4.38 -1.27 2.28
C GLU A 144 -5.79 -1.44 1.71
N SER A 145 -5.96 -2.47 0.89
CA SER A 145 -7.32 -2.77 0.35
C SER A 145 -8.32 -3.08 1.46
N ASN A 146 -7.88 -3.78 2.50
CA ASN A 146 -8.79 -4.06 3.64
C ASN A 146 -9.17 -2.77 4.42
N ASP A 147 -8.25 -1.84 4.60
CA ASP A 147 -8.61 -0.55 5.22
C ASP A 147 -9.52 0.22 4.31
N THR A 148 -9.20 0.20 3.02
CA THR A 148 -9.99 0.91 2.07
C THR A 148 -11.44 0.42 2.02
N VAL A 149 -11.64 -0.87 2.04
CA VAL A 149 -12.97 -1.41 1.90
C VAL A 149 -13.82 -1.15 3.12
N LEU A 150 -13.21 -1.13 4.29
CA LEU A 150 -13.96 -0.75 5.50
C LEU A 150 -14.41 0.72 5.44
N ARG A 151 -13.58 1.58 4.90
CA ARG A 151 -13.98 2.97 4.71
C ARG A 151 -15.08 3.09 3.70
N MET A 152 -15.02 2.33 2.59
CA MET A 152 -16.05 2.41 1.55
C MET A 152 -17.39 1.99 2.08
N VAL A 153 -17.45 0.94 2.87
CA VAL A 153 -18.79 0.45 3.24
C VAL A 153 -19.47 1.49 4.21
N ARG A 154 -18.66 2.10 5.06
CA ARG A 154 -19.10 3.14 6.01
C ARG A 154 -19.52 4.43 5.26
N HIS A 155 -18.72 4.88 4.30
CA HIS A 155 -19.09 5.99 3.41
C HIS A 155 -20.38 5.69 2.63
N TYR A 156 -20.51 4.48 2.10
CA TYR A 156 -21.73 4.08 1.41
C TYR A 156 -22.97 4.36 2.27
N TRP A 157 -22.99 3.81 3.47
CA TRP A 157 -24.20 3.90 4.24
C TRP A 157 -24.39 5.36 4.70
N SER A 158 -23.29 6.06 4.98
CA SER A 158 -23.32 7.47 5.32
C SER A 158 -23.96 8.31 4.23
N ILE A 159 -23.59 8.08 2.97
CA ILE A 159 -24.23 8.71 1.81
C ILE A 159 -25.67 8.33 1.61
N LYS A 160 -26.05 7.11 1.99
CA LYS A 160 -27.45 6.72 1.92
C LYS A 160 -28.24 7.38 3.05
N GLY A 161 -27.59 8.15 3.93
CA GLY A 161 -28.25 8.72 5.08
C GLY A 161 -28.41 7.80 6.27
N LYS A 162 -27.49 6.84 6.45
CA LYS A 162 -27.56 5.93 7.61
C LYS A 162 -26.19 5.76 8.23
N PRO A 163 -25.56 6.87 8.66
CA PRO A 163 -24.18 6.85 9.17
C PRO A 163 -24.06 6.05 10.45
N GLN A 164 -25.18 5.57 10.97
CA GLN A 164 -25.09 4.68 12.11
C GLN A 164 -24.63 3.23 11.74
N LYS A 165 -24.79 2.83 10.48
CA LYS A 165 -24.38 1.47 10.03
C LYS A 165 -22.88 1.51 9.86
N LYS A 166 -22.15 1.17 10.90
CA LYS A 166 -20.74 1.29 10.92
C LYS A 166 -20.07 -0.06 11.21
N VAL A 167 -20.81 -0.97 11.84
CA VAL A 167 -20.18 -2.15 12.38
C VAL A 167 -19.99 -3.17 11.24
N VAL A 168 -18.81 -3.77 11.21
CA VAL A 168 -18.48 -4.81 10.23
C VAL A 168 -18.35 -6.12 10.96
N ILE A 169 -19.08 -7.11 10.50
CA ILE A 169 -19.05 -8.46 11.02
C ILE A 169 -18.08 -9.34 10.21
N GLY A 170 -17.09 -9.85 10.87
CA GLY A 170 -16.15 -10.83 10.32
C GLY A 170 -16.20 -12.07 11.15
N ARG A 171 -15.21 -12.93 10.95
CA ARG A 171 -15.13 -14.24 11.57
C ARG A 171 -13.85 -14.38 12.31
N TRP A 172 -13.90 -15.15 13.41
CA TRP A 172 -12.68 -15.47 14.19
C TRP A 172 -11.77 -16.21 13.27
N ASN A 173 -10.49 -15.90 13.33
CA ASN A 173 -9.49 -16.50 12.51
C ASN A 173 -9.63 -16.05 11.00
N GLY A 174 -10.11 -14.80 10.79
CA GLY A 174 -10.33 -14.17 9.47
C GLY A 174 -9.20 -13.24 8.98
N PRO A 198 -8.06 -5.49 19.60
CA PRO A 198 -9.42 -5.14 19.16
C PRO A 198 -9.37 -4.06 18.14
N ILE A 199 -10.31 -4.10 17.23
CA ILE A 199 -10.28 -3.19 16.09
C ILE A 199 -11.63 -2.51 16.22
N PRO A 200 -11.66 -1.19 16.46
CA PRO A 200 -12.97 -0.59 16.68
C PRO A 200 -13.85 -0.78 15.44
N GLY A 201 -15.13 -1.01 15.68
CA GLY A 201 -16.12 -1.19 14.64
C GLY A 201 -16.20 -2.57 13.98
N ILE A 202 -15.44 -3.55 14.47
CA ILE A 202 -15.49 -4.92 13.94
C ILE A 202 -15.94 -5.89 15.04
N VAL A 203 -16.93 -6.71 14.74
CA VAL A 203 -17.28 -7.82 15.62
C VAL A 203 -17.11 -9.15 14.87
N HIS A 204 -17.05 -10.25 15.60
CA HIS A 204 -16.70 -11.55 15.05
C HIS A 204 -17.70 -12.61 15.37
N ILE A 205 -18.01 -13.46 14.39
CA ILE A 205 -18.81 -14.62 14.56
C ILE A 205 -17.93 -15.87 14.31
N ALA A 206 -18.52 -17.01 14.58
CA ALA A 206 -17.90 -18.34 14.42
C ALA A 206 -17.46 -18.63 13.00
N GLN A 207 -16.32 -19.30 12.94
CA GLN A 207 -15.79 -19.78 11.68
C GLN A 207 -16.35 -21.12 11.32
N PRO A 208 -16.60 -21.36 10.03
CA PRO A 208 -17.12 -22.69 9.64
C PRO A 208 -16.01 -23.76 9.55
N TYR A 209 -15.36 -24.02 10.69
CA TYR A 209 -14.23 -25.00 10.83
C TYR A 209 -14.76 -26.29 11.46
N TRP A 210 -15.31 -27.15 10.63
CA TRP A 210 -15.89 -28.41 11.09
C TRP A 210 -14.94 -29.28 11.93
N TYR A 211 -13.73 -29.51 11.44
CA TYR A 211 -12.82 -30.43 12.13
C TYR A 211 -12.49 -29.98 13.56
N GLY A 212 -12.26 -28.69 13.74
CA GLY A 212 -11.91 -28.19 15.04
C GLY A 212 -13.06 -27.78 15.92
N GLU A 213 -14.18 -27.38 15.33
CA GLU A 213 -15.24 -26.78 16.14
C GLU A 213 -16.62 -27.35 15.83
N GLY A 214 -16.69 -28.38 14.99
CA GLY A 214 -17.96 -28.99 14.65
C GLY A 214 -18.65 -29.78 15.77
N GLY A 215 -18.02 -29.96 16.94
CA GLY A 215 -18.62 -30.74 18.05
C GLY A 215 -19.21 -32.10 17.64
N ASP A 216 -20.50 -32.30 17.88
CA ASP A 216 -21.15 -33.55 17.51
C ASP A 216 -22.03 -33.38 16.30
N MET A 217 -21.89 -32.28 15.57
CA MET A 217 -22.68 -32.08 14.37
C MET A 217 -22.00 -32.68 13.16
N SER A 218 -22.81 -33.08 12.19
CA SER A 218 -22.33 -33.34 10.85
C SER A 218 -21.85 -32.09 10.13
N ALA A 219 -21.09 -32.30 9.06
CA ALA A 219 -20.59 -31.19 8.23
C ALA A 219 -21.76 -30.36 7.76
N GLU A 220 -22.73 -31.01 7.16
CA GLU A 220 -23.85 -30.32 6.54
C GLU A 220 -24.58 -29.50 7.59
N GLU A 221 -24.82 -30.05 8.78
CA GLU A 221 -25.58 -29.29 9.76
C GLU A 221 -24.76 -28.22 10.36
N PHE A 222 -23.46 -28.44 10.53
CA PHE A 222 -22.59 -27.42 11.10
C PHE A 222 -22.43 -26.20 10.15
N GLY A 223 -22.46 -26.46 8.86
CA GLY A 223 -22.44 -25.42 7.86
C GLY A 223 -23.60 -24.46 8.03
N VAL A 224 -24.77 -25.04 8.27
CA VAL A 224 -25.99 -24.28 8.52
C VAL A 224 -25.84 -23.50 9.82
N TRP A 225 -25.44 -24.17 10.89
CA TRP A 225 -25.29 -23.51 12.16
C TRP A 225 -24.30 -22.34 12.10
N ALA A 226 -23.15 -22.55 11.43
CA ALA A 226 -22.15 -21.48 11.39
C ALA A 226 -22.66 -20.27 10.60
N ALA A 227 -23.40 -20.52 9.51
CA ALA A 227 -24.03 -19.47 8.78
C ALA A 227 -25.09 -18.70 9.60
N GLU A 228 -25.87 -19.45 10.38
CA GLU A 228 -26.90 -18.85 11.23
C GLU A 228 -26.28 -17.96 12.30
N GLN A 229 -25.03 -18.16 12.67
CA GLN A 229 -24.44 -17.22 13.60
C GLN A 229 -24.34 -15.80 13.03
N LEU A 230 -24.33 -15.65 11.71
CA LEU A 230 -24.33 -14.32 11.13
C LEU A 230 -25.68 -13.58 11.44
N GLU A 231 -26.81 -14.24 11.19
CA GLU A 231 -28.15 -13.67 11.47
C GLU A 231 -28.26 -13.33 12.93
N LYS A 232 -27.80 -14.24 13.79
CA LYS A 232 -27.83 -14.01 15.21
C LYS A 232 -27.02 -12.78 15.60
N LYS A 233 -25.85 -12.61 14.99
CA LYS A 233 -25.02 -11.43 15.30
C LYS A 233 -25.63 -10.14 14.75
N ILE A 234 -26.23 -10.19 13.59
CA ILE A 234 -26.89 -9.04 13.03
C ILE A 234 -27.96 -8.51 14.02
N LEU A 235 -28.77 -9.42 14.56
CA LEU A 235 -29.91 -9.06 15.43
C LEU A 235 -29.42 -8.57 16.77
N GLU A 236 -28.42 -9.26 17.28
CA GLU A 236 -27.75 -8.82 18.48
C GLU A 236 -27.15 -7.41 18.38
N VAL A 237 -26.49 -7.09 17.28
CA VAL A 237 -25.85 -5.78 17.13
C VAL A 237 -26.92 -4.79 16.72
N GLY A 238 -27.96 -5.25 16.00
CA GLY A 238 -28.98 -4.45 15.41
C GLY A 238 -28.58 -4.03 14.01
N GLU A 239 -29.45 -4.31 13.06
CA GLU A 239 -29.26 -4.04 11.66
C GLU A 239 -28.91 -2.60 11.43
N GLU A 240 -29.51 -1.70 12.21
CA GLU A 240 -29.32 -0.28 11.97
C GLU A 240 -27.93 0.18 12.40
N ASN A 241 -27.22 -0.62 13.20
CA ASN A 241 -25.78 -0.39 13.45
C ASN A 241 -24.76 -1.15 12.54
N VAL A 242 -25.26 -2.00 11.67
CA VAL A 242 -24.38 -2.94 10.90
C VAL A 242 -24.17 -2.40 9.50
N ALA A 243 -22.90 -2.30 9.10
CA ALA A 243 -22.54 -1.92 7.73
C ALA A 243 -22.33 -3.10 6.73
N ALA A 244 -21.70 -4.19 7.20
CA ALA A 244 -21.17 -5.17 6.28
C ALA A 244 -20.78 -6.43 6.98
N PHE A 245 -20.78 -7.52 6.19
CA PHE A 245 -20.16 -8.80 6.53
C PHE A 245 -18.91 -8.96 5.67
N ILE A 246 -17.82 -9.37 6.28
CA ILE A 246 -16.53 -9.55 5.59
C ILE A 246 -16.06 -10.98 5.84
N ALA A 247 -15.66 -11.63 4.74
CA ALA A 247 -15.30 -13.06 4.79
C ALA A 247 -14.48 -13.44 3.57
N GLU A 248 -13.46 -14.22 3.78
CA GLU A 248 -12.82 -14.90 2.67
C GLU A 248 -13.74 -16.08 2.25
N PRO A 249 -13.76 -16.42 0.95
CA PRO A 249 -14.51 -17.64 0.54
C PRO A 249 -14.07 -18.90 1.27
N ILE A 250 -12.74 -19.00 1.43
CA ILE A 250 -12.06 -20.02 2.21
C ILE A 250 -10.97 -19.25 3.02
N GLN A 251 -10.92 -19.46 4.30
CA GLN A 251 -9.96 -18.77 5.19
C GLN A 251 -8.61 -19.39 4.95
N GLY A 252 -7.65 -18.62 4.47
CA GLY A 252 -6.36 -19.16 4.00
C GLY A 252 -5.43 -19.26 5.18
N ALA A 253 -5.06 -18.11 5.74
CA ALA A 253 -4.03 -18.02 6.78
C ALA A 253 -4.44 -18.75 8.03
N GLY A 254 -5.74 -18.80 8.27
CA GLY A 254 -6.28 -19.55 9.37
C GLY A 254 -6.22 -21.05 9.27
N GLY A 255 -5.74 -21.60 8.17
CA GLY A 255 -5.61 -23.08 8.04
C GLY A 255 -6.38 -23.70 6.89
N VAL A 256 -6.58 -22.97 5.79
CA VAL A 256 -7.38 -23.46 4.67
C VAL A 256 -8.66 -24.10 5.20
N ILE A 257 -9.45 -23.28 5.89
CA ILE A 257 -10.71 -23.73 6.49
C ILE A 257 -11.78 -23.81 5.43
N VAL A 258 -11.96 -24.99 4.87
CA VAL A 258 -12.92 -25.19 3.79
C VAL A 258 -14.29 -25.32 4.46
N PRO A 259 -15.25 -24.44 4.13
CA PRO A 259 -16.55 -24.50 4.80
C PRO A 259 -17.39 -25.65 4.25
N PRO A 260 -18.34 -26.19 5.02
CA PRO A 260 -19.27 -27.17 4.43
C PRO A 260 -20.07 -26.61 3.27
N ASP A 261 -20.53 -27.48 2.39
CA ASP A 261 -21.28 -27.03 1.22
C ASP A 261 -22.54 -26.23 1.54
N THR A 262 -23.13 -26.46 2.72
CA THR A 262 -24.34 -25.75 3.14
C THR A 262 -24.08 -24.34 3.66
N TYR A 263 -22.81 -23.99 3.95
CA TYR A 263 -22.46 -22.69 4.50
C TYR A 263 -22.78 -21.50 3.60
N TRP A 264 -22.17 -21.40 2.42
CA TRP A 264 -22.41 -20.24 1.61
C TRP A 264 -23.89 -20.03 1.17
N PRO A 265 -24.60 -21.10 0.82
CA PRO A 265 -26.03 -20.91 0.49
C PRO A 265 -26.82 -20.35 1.66
N LYS A 266 -26.59 -20.86 2.86
CA LYS A 266 -27.25 -20.28 3.98
C LYS A 266 -26.87 -18.81 4.21
N ILE A 267 -25.59 -18.47 4.13
CA ILE A 267 -25.16 -17.06 4.26
C ILE A 267 -25.89 -16.21 3.25
N ARG A 268 -26.01 -16.68 2.01
CA ARG A 268 -26.65 -15.84 1.00
C ARG A 268 -28.11 -15.52 1.34
N GLU A 269 -28.80 -16.49 1.95
CA GLU A 269 -30.17 -16.33 2.39
C GLU A 269 -30.24 -15.27 3.49
N ILE A 270 -29.27 -15.28 4.41
CA ILE A 270 -29.27 -14.33 5.47
C ILE A 270 -28.97 -12.94 4.94
N LEU A 271 -28.00 -12.80 4.03
CA LEU A 271 -27.64 -11.46 3.52
C LEU A 271 -28.83 -10.85 2.80
N ALA A 272 -29.63 -11.70 2.13
CA ALA A 272 -30.76 -11.23 1.32
C ALA A 272 -31.87 -10.61 2.17
N LYS A 273 -31.96 -11.01 3.44
CA LYS A 273 -32.94 -10.46 4.34
C LYS A 273 -32.56 -9.14 4.98
N TYR A 274 -31.29 -8.72 4.97
CA TYR A 274 -30.86 -7.53 5.71
C TYR A 274 -30.18 -6.46 4.87
N GLU A 275 -30.09 -5.28 5.42
CA GLU A 275 -29.39 -4.18 4.80
C GLU A 275 -27.93 -4.24 5.26
N ILE A 276 -27.10 -4.88 4.45
CA ILE A 276 -25.72 -5.23 4.88
C ILE A 276 -24.92 -5.45 3.60
N LEU A 277 -23.76 -4.82 3.48
CA LEU A 277 -22.91 -5.06 2.29
C LEU A 277 -22.07 -6.35 2.49
N PHE A 278 -21.80 -7.00 1.40
CA PHE A 278 -21.02 -8.28 1.44
C PHE A 278 -19.63 -7.96 0.88
N ILE A 279 -18.62 -8.04 1.74
CA ILE A 279 -17.22 -7.91 1.39
C ILE A 279 -16.63 -9.33 1.32
N ALA A 280 -16.18 -9.69 0.12
CA ALA A 280 -15.57 -10.99 -0.07
C ALA A 280 -14.10 -10.73 -0.21
N ASP A 281 -13.36 -11.14 0.79
CA ASP A 281 -11.92 -10.91 0.79
C ASP A 281 -11.24 -11.96 -0.10
N GLU A 282 -10.78 -11.49 -1.24
CA GLU A 282 -10.14 -12.29 -2.27
C GLU A 282 -8.62 -12.10 -2.37
N VAL A 283 -8.01 -11.63 -1.29
CA VAL A 283 -6.56 -11.40 -1.34
C VAL A 283 -5.83 -12.73 -1.64
N ILE A 284 -6.24 -13.82 -1.00
CA ILE A 284 -5.66 -15.15 -1.31
C ILE A 284 -6.33 -15.90 -2.47
N CYS A 285 -7.66 -16.01 -2.43
CA CYS A 285 -8.42 -16.78 -3.40
C CYS A 285 -8.47 -16.19 -4.78
N GLY A 286 -8.14 -14.93 -4.93
CA GLY A 286 -8.19 -14.28 -6.19
C GLY A 286 -7.18 -14.67 -7.26
N PHE A 287 -7.56 -14.43 -8.50
CA PHE A 287 -6.71 -14.70 -9.65
C PHE A 287 -6.33 -16.16 -9.80
N GLY A 288 -7.31 -17.03 -9.63
CA GLY A 288 -7.23 -18.42 -10.14
C GLY A 288 -7.12 -19.51 -9.13
N ARG A 289 -6.96 -19.14 -7.87
CA ARG A 289 -6.56 -20.10 -6.88
C ARG A 289 -7.54 -21.20 -6.61
N THR A 290 -8.85 -20.94 -6.86
CA THR A 290 -9.76 -22.03 -6.70
C THR A 290 -10.07 -22.78 -8.00
N GLY A 291 -9.50 -22.39 -9.12
CA GLY A 291 -9.97 -22.87 -10.40
C GLY A 291 -11.00 -21.99 -11.08
N GLU A 292 -11.66 -21.12 -10.33
CA GLU A 292 -12.33 -19.96 -10.89
C GLU A 292 -11.41 -18.76 -10.72
N TRP A 293 -11.72 -17.67 -11.40
CA TRP A 293 -10.94 -16.46 -11.21
C TRP A 293 -10.95 -15.98 -9.74
N PHE A 294 -12.10 -16.14 -9.08
CA PHE A 294 -12.30 -15.71 -7.69
C PHE A 294 -13.01 -16.77 -6.93
N GLY A 295 -12.71 -16.86 -5.64
CA GLY A 295 -13.36 -17.77 -4.74
C GLY A 295 -14.88 -17.57 -4.74
N SER A 296 -15.30 -16.31 -4.88
CA SER A 296 -16.69 -15.96 -4.94
C SER A 296 -17.44 -16.71 -6.09
N GLN A 297 -16.79 -16.83 -7.24
CA GLN A 297 -17.36 -17.57 -8.36
C GLN A 297 -17.36 -19.05 -8.07
N TYR A 298 -16.39 -19.58 -7.32
CA TYR A 298 -16.39 -20.97 -6.99
C TYR A 298 -17.60 -21.31 -6.13
N TYR A 299 -17.99 -20.44 -5.23
CA TYR A 299 -19.11 -20.78 -4.36
C TYR A 299 -20.48 -20.22 -4.79
N GLY A 300 -20.47 -19.42 -5.85
CA GLY A 300 -21.67 -18.75 -6.39
C GLY A 300 -22.15 -17.55 -5.58
N ASN A 301 -21.22 -16.75 -5.05
CA ASN A 301 -21.56 -15.55 -4.30
C ASN A 301 -21.51 -14.34 -5.18
N ALA A 302 -22.32 -13.35 -4.89
CA ALA A 302 -22.32 -12.11 -5.58
C ALA A 302 -21.96 -11.00 -4.59
N PRO A 303 -20.66 -10.76 -4.34
CA PRO A 303 -20.34 -9.76 -3.33
C PRO A 303 -20.49 -8.35 -3.80
N ASP A 304 -20.57 -7.44 -2.84
CA ASP A 304 -20.53 -6.02 -3.18
C ASP A 304 -19.15 -5.36 -3.38
N LEU A 305 -18.16 -5.81 -2.60
CA LEU A 305 -16.81 -5.35 -2.66
C LEU A 305 -15.83 -6.55 -2.50
N MET A 306 -14.70 -6.54 -3.18
CA MET A 306 -13.69 -7.57 -3.07
C MET A 306 -12.30 -6.95 -3.00
N PRO A 307 -11.68 -6.91 -1.82
CA PRO A 307 -10.28 -6.62 -1.76
C PRO A 307 -9.48 -7.68 -2.51
N ILE A 308 -8.52 -7.25 -3.30
CA ILE A 308 -7.56 -8.14 -4.00
C ILE A 308 -6.12 -7.64 -3.78
N ALA A 309 -5.15 -8.52 -3.97
CA ALA A 309 -3.74 -8.19 -4.04
C ALA A 309 -2.97 -9.39 -4.61
N LYS A 310 -1.75 -9.61 -4.13
CA LYS A 310 -1.02 -10.89 -4.35
C LYS A 310 -1.02 -11.33 -5.83
N GLY A 311 -1.91 -12.28 -6.13
CA GLY A 311 -2.11 -12.87 -7.44
C GLY A 311 -2.36 -11.88 -8.54
N LEU A 312 -2.78 -10.66 -8.19
CA LEU A 312 -2.91 -9.56 -9.14
C LEU A 312 -1.68 -9.36 -9.99
N THR A 313 -0.49 -9.37 -9.35
CA THR A 313 0.77 -9.28 -10.04
C THR A 313 1.60 -10.59 -9.99
N SER A 314 0.99 -11.67 -9.52
CA SER A 314 1.70 -12.89 -9.07
C SER A 314 2.89 -12.61 -8.14
N GLY A 315 2.77 -11.55 -7.36
CA GLY A 315 3.73 -11.23 -6.32
C GLY A 315 4.96 -10.54 -6.89
N TYR A 316 5.00 -10.23 -8.19
CA TYR A 316 6.18 -9.63 -8.79
C TYR A 316 6.42 -8.17 -8.47
N ILE A 317 5.34 -7.44 -8.16
CA ILE A 317 5.40 -6.02 -7.83
C ILE A 317 4.27 -5.81 -6.83
N PRO A 318 4.44 -4.91 -5.86
CA PRO A 318 3.37 -4.70 -4.89
C PRO A 318 2.22 -4.02 -5.59
N MET A 319 1.03 -4.49 -5.28
CA MET A 319 -0.21 -3.88 -5.76
C MET A 319 -1.37 -4.52 -5.04
N GLY A 320 -2.39 -3.72 -4.80
CA GLY A 320 -3.63 -4.21 -4.30
C GLY A 320 -4.78 -3.56 -5.02
N GLY A 321 -5.98 -3.97 -4.69
CA GLY A 321 -7.15 -3.26 -5.26
C GLY A 321 -8.40 -3.59 -4.52
N VAL A 322 -9.49 -2.93 -4.93
CA VAL A 322 -10.80 -3.31 -4.47
C VAL A 322 -11.70 -3.28 -5.75
N ILE A 323 -12.35 -4.40 -6.03
CA ILE A 323 -13.28 -4.56 -7.12
C ILE A 323 -14.65 -4.25 -6.49
N VAL A 324 -15.43 -3.43 -7.13
CA VAL A 324 -16.67 -2.94 -6.57
C VAL A 324 -17.90 -3.10 -7.50
N ARG A 325 -19.00 -3.61 -6.95
CA ARG A 325 -20.27 -3.78 -7.69
C ARG A 325 -20.79 -2.38 -8.15
N ASP A 326 -21.23 -2.30 -9.40
CA ASP A 326 -21.60 -1.02 -10.06
C ASP A 326 -22.60 -0.17 -9.29
N GLU A 327 -23.61 -0.77 -8.70
CA GLU A 327 -24.63 -0.05 -7.85
C GLU A 327 -24.01 0.65 -6.69
N ILE A 328 -22.98 0.02 -6.13
CA ILE A 328 -22.32 0.56 -4.94
C ILE A 328 -21.57 1.78 -5.35
N VAL A 329 -20.87 1.70 -6.48
CA VAL A 329 -20.13 2.84 -6.98
C VAL A 329 -21.04 4.04 -7.31
N ASP A 330 -22.19 3.76 -7.91
CA ASP A 330 -23.15 4.84 -8.28
C ASP A 330 -23.51 5.65 -7.06
N THR A 331 -23.76 4.95 -5.94
CA THR A 331 -24.02 5.60 -4.69
C THR A 331 -22.79 6.38 -4.19
N LEU A 332 -21.65 5.71 -4.13
CA LEU A 332 -20.41 6.34 -3.73
C LEU A 332 -20.06 7.60 -4.53
N ASN A 333 -20.50 7.70 -5.78
CA ASN A 333 -20.32 8.90 -6.61
C ASN A 333 -21.23 10.12 -6.27
N GLU A 334 -21.70 10.24 -5.03
CA GLU A 334 -22.61 11.33 -4.60
C GLU A 334 -22.28 11.94 -3.25
N THR A 343 -4.82 8.59 -6.43
CA THR A 343 -4.88 7.86 -5.14
C THR A 343 -5.23 6.37 -5.34
N TYR A 344 -6.30 6.15 -6.11
CA TYR A 344 -6.74 4.80 -6.51
C TYR A 344 -6.49 4.51 -8.02
N SER A 345 -5.70 5.39 -8.63
CA SER A 345 -5.28 5.28 -10.03
C SER A 345 -4.45 4.03 -10.30
N GLY A 346 -3.58 3.62 -9.36
CA GLY A 346 -2.79 2.44 -9.62
C GLY A 346 -1.49 2.84 -10.29
N HIS A 347 -0.37 2.52 -9.66
CA HIS A 347 0.90 2.93 -10.22
C HIS A 347 1.12 2.27 -11.60
N PRO A 348 1.53 3.02 -12.62
CA PRO A 348 1.63 2.44 -13.97
C PRO A 348 2.51 1.20 -14.12
N VAL A 349 3.63 1.17 -13.43
CA VAL A 349 4.56 0.03 -13.49
C VAL A 349 3.94 -1.18 -12.88
N ALA A 350 3.35 -1.06 -11.69
CA ALA A 350 2.58 -2.16 -11.16
C ALA A 350 1.45 -2.61 -12.07
N ALA A 351 0.71 -1.66 -12.59
CA ALA A 351 -0.42 -1.95 -13.46
C ALA A 351 0.02 -2.68 -14.76
N ALA A 352 1.14 -2.31 -15.34
CA ALA A 352 1.65 -3.00 -16.53
C ALA A 352 1.98 -4.46 -16.24
N VAL A 353 2.54 -4.70 -15.08
CA VAL A 353 2.87 -6.05 -14.65
C VAL A 353 1.59 -6.84 -14.38
N ALA A 354 0.63 -6.25 -13.66
CA ALA A 354 -0.64 -6.97 -13.40
C ALA A 354 -1.38 -7.31 -14.74
N LEU A 355 -1.34 -6.41 -15.70
CA LEU A 355 -2.01 -6.60 -16.99
C LEU A 355 -1.40 -7.78 -17.73
N GLU A 356 -0.09 -7.81 -17.78
CA GLU A 356 0.64 -8.92 -18.38
C GLU A 356 0.45 -10.17 -17.62
N ASN A 357 0.41 -10.09 -16.28
CA ASN A 357 0.12 -11.27 -15.51
C ASN A 357 -1.28 -11.86 -15.82
N ILE A 358 -2.31 -11.04 -15.90
CA ILE A 358 -3.63 -11.56 -16.19
C ILE A 358 -3.67 -12.12 -17.62
N ARG A 359 -3.03 -11.41 -18.55
CA ARG A 359 -2.91 -11.87 -19.93
C ARG A 359 -2.32 -13.29 -20.01
N ILE A 360 -1.24 -13.53 -19.28
CA ILE A 360 -0.65 -14.85 -19.21
C ILE A 360 -1.62 -15.83 -18.62
N LEU A 361 -2.22 -15.50 -17.49
CA LEU A 361 -3.14 -16.44 -16.87
C LEU A 361 -4.31 -16.81 -17.84
N ARG A 362 -4.72 -15.85 -18.64
CA ARG A 362 -5.90 -16.01 -19.51
C ARG A 362 -5.48 -16.73 -20.80
N GLU A 363 -4.47 -16.22 -21.46
CA GLU A 363 -4.04 -16.74 -22.77
C GLU A 363 -3.37 -18.10 -22.74
N GLU A 364 -2.72 -18.46 -21.65
CA GLU A 364 -2.18 -19.79 -21.47
C GLU A 364 -3.16 -20.72 -20.81
N LYS A 365 -4.39 -20.24 -20.56
CA LYS A 365 -5.45 -21.05 -19.99
C LYS A 365 -5.05 -21.70 -18.69
N ILE A 366 -4.22 -20.98 -17.92
CA ILE A 366 -3.76 -21.48 -16.67
C ILE A 366 -4.96 -21.72 -15.72
N VAL A 367 -5.87 -20.77 -15.56
CA VAL A 367 -7.01 -21.04 -14.64
C VAL A 367 -7.90 -22.22 -15.11
N GLU A 368 -8.11 -22.34 -16.42
CA GLU A 368 -8.89 -23.46 -17.00
C GLU A 368 -8.20 -24.77 -16.74
N THR A 369 -6.89 -24.80 -16.93
CA THR A 369 -6.14 -26.03 -16.65
C THR A 369 -6.19 -26.40 -15.18
N VAL A 370 -6.18 -25.38 -14.31
CA VAL A 370 -6.30 -25.65 -12.88
C VAL A 370 -7.64 -26.30 -12.64
N LYS A 371 -8.71 -25.71 -13.18
CA LYS A 371 -10.03 -26.24 -12.90
C LYS A 371 -10.17 -27.69 -13.48
N ALA A 372 -9.72 -27.89 -14.70
CA ALA A 372 -10.01 -29.13 -15.46
C ALA A 372 -9.03 -30.27 -15.11
N GLU A 373 -7.77 -29.93 -14.78
CA GLU A 373 -6.67 -30.93 -14.65
C GLU A 373 -5.87 -30.86 -13.34
N THR A 374 -5.26 -29.71 -13.08
CA THR A 374 -4.27 -29.59 -12.04
C THR A 374 -4.88 -29.72 -10.69
N ALA A 375 -5.98 -28.98 -10.43
CA ALA A 375 -6.61 -29.07 -9.09
C ALA A 375 -7.23 -30.42 -8.80
N PRO A 376 -8.02 -30.97 -9.77
CA PRO A 376 -8.50 -32.36 -9.50
C PRO A 376 -7.35 -33.35 -9.15
N TYR A 377 -6.27 -33.25 -9.85
CA TYR A 377 -5.12 -34.14 -9.60
C TYR A 377 -4.50 -33.87 -8.21
N LEU A 378 -4.25 -32.60 -7.92
CA LEU A 378 -3.76 -32.22 -6.55
C LEU A 378 -4.65 -32.73 -5.46
N GLN A 379 -5.96 -32.45 -5.52
CA GLN A 379 -6.86 -32.82 -4.46
C GLN A 379 -6.98 -34.34 -4.28
N LYS A 380 -6.98 -35.06 -5.41
CA LYS A 380 -6.98 -36.52 -5.39
C LYS A 380 -5.72 -37.05 -4.69
N ARG A 381 -4.55 -36.57 -5.09
CA ARG A 381 -3.31 -37.04 -4.45
C ARG A 381 -3.19 -36.62 -3.00
N TRP A 382 -3.59 -35.39 -2.70
CA TRP A 382 -3.65 -34.88 -1.32
C TRP A 382 -4.49 -35.75 -0.40
N GLN A 383 -5.64 -36.22 -0.85
CA GLN A 383 -6.47 -37.22 -0.09
C GLN A 383 -5.75 -38.46 0.32
N GLU A 384 -4.87 -38.97 -0.53
CA GLU A 384 -4.08 -40.13 -0.18
C GLU A 384 -3.38 -39.97 1.16
N LEU A 385 -3.00 -38.74 1.56
CA LEU A 385 -2.27 -38.52 2.80
C LEU A 385 -3.15 -38.65 4.03
N ALA A 386 -4.47 -38.62 3.82
CA ALA A 386 -5.42 -38.99 4.86
C ALA A 386 -5.18 -40.38 5.45
N ASP A 387 -4.58 -41.28 4.72
CA ASP A 387 -4.23 -42.61 5.27
C ASP A 387 -3.06 -42.58 6.25
N HIS A 388 -2.36 -41.46 6.33
CA HIS A 388 -1.19 -41.41 7.16
C HIS A 388 -1.54 -41.47 8.62
N PRO A 389 -0.78 -42.21 9.43
CA PRO A 389 -1.14 -42.32 10.86
C PRO A 389 -1.27 -41.01 11.63
N LEU A 390 -0.59 -39.98 11.16
CA LEU A 390 -0.57 -38.65 11.77
C LEU A 390 -1.74 -37.73 11.35
N VAL A 391 -2.44 -38.07 10.26
CA VAL A 391 -3.35 -37.15 9.58
C VAL A 391 -4.82 -37.46 9.93
N GLY A 392 -5.45 -36.53 10.63
CA GLY A 392 -6.86 -36.64 11.03
C GLY A 392 -7.83 -36.27 9.93
N GLU A 393 -7.41 -35.37 9.03
CA GLU A 393 -8.23 -34.96 7.88
C GLU A 393 -7.32 -34.31 6.85
N ALA A 394 -7.64 -34.58 5.59
CA ALA A 394 -7.06 -33.87 4.48
C ALA A 394 -8.19 -33.19 3.77
N ARG A 395 -8.07 -31.88 3.52
CA ARG A 395 -9.10 -31.09 2.82
C ARG A 395 -8.44 -30.09 1.86
N GLY A 396 -9.25 -29.60 0.94
CA GLY A 396 -8.78 -28.61 0.00
C GLY A 396 -9.74 -28.27 -1.08
N VAL A 397 -9.44 -27.21 -1.78
CA VAL A 397 -10.23 -26.77 -2.90
C VAL A 397 -9.25 -26.16 -3.84
N GLY A 398 -9.42 -26.42 -5.13
CA GLY A 398 -8.56 -25.85 -6.12
C GLY A 398 -7.10 -26.16 -5.79
N MET A 399 -6.28 -25.12 -5.73
CA MET A 399 -4.85 -25.20 -5.41
C MET A 399 -4.52 -24.72 -3.97
N VAL A 400 -5.40 -25.02 -3.03
CA VAL A 400 -5.07 -24.98 -1.59
C VAL A 400 -5.43 -26.23 -0.91
N GLY A 401 -4.66 -26.54 0.13
CA GLY A 401 -4.98 -27.72 0.97
C GLY A 401 -4.44 -27.67 2.36
N ALA A 402 -5.03 -28.47 3.23
CA ALA A 402 -4.67 -28.56 4.59
C ALA A 402 -4.64 -30.04 5.04
N LEU A 403 -3.85 -30.29 6.07
CA LEU A 403 -3.76 -31.58 6.75
C LEU A 403 -3.83 -31.29 8.22
N GLU A 404 -4.69 -32.01 8.92
CA GLU A 404 -4.72 -31.89 10.37
C GLU A 404 -3.87 -32.96 11.01
N LEU A 405 -2.88 -32.54 11.77
CA LEU A 405 -2.01 -33.44 12.48
C LEU A 405 -2.58 -33.66 13.88
N VAL A 406 -2.89 -34.92 14.18
CA VAL A 406 -3.48 -35.31 15.47
C VAL A 406 -2.80 -36.56 16.06
N LYS A 407 -2.94 -36.73 17.35
CA LYS A 407 -2.33 -37.85 18.10
C LYS A 407 -3.24 -39.05 18.17
N ASN A 408 -4.51 -38.82 17.89
CA ASN A 408 -5.51 -39.88 17.84
C ASN A 408 -6.57 -39.51 16.82
N LYS A 409 -6.61 -40.27 15.73
CA LYS A 409 -7.56 -39.99 14.66
C LYS A 409 -9.02 -40.16 15.02
N LYS A 410 -9.33 -41.04 15.98
CA LYS A 410 -10.72 -41.28 16.35
C LYS A 410 -11.26 -40.12 17.18
N THR A 411 -10.54 -39.68 18.21
CA THR A 411 -10.99 -38.52 19.01
C THR A 411 -10.62 -37.09 18.48
N ARG A 412 -9.71 -37.01 17.50
CA ARG A 412 -9.12 -35.73 17.06
C ARG A 412 -8.29 -35.07 18.16
N GLU A 413 -7.77 -35.85 19.07
CA GLU A 413 -6.97 -35.32 20.13
C GLU A 413 -5.64 -34.89 19.52
N ARG A 414 -5.15 -33.74 19.96
CA ARG A 414 -3.93 -33.17 19.47
C ARG A 414 -2.78 -33.55 20.35
N PHE A 415 -1.59 -33.53 19.80
CA PHE A 415 -0.38 -33.70 20.57
C PHE A 415 -0.15 -32.56 21.57
N GLU A 416 0.50 -32.89 22.68
CA GLU A 416 0.84 -31.95 23.74
C GLU A 416 1.77 -30.86 23.25
N ASN A 417 1.14 -29.82 22.71
CA ASN A 417 1.81 -28.55 22.43
C ASN A 417 2.99 -28.72 21.49
N GLY A 418 2.67 -29.12 20.28
CA GLY A 418 3.67 -29.24 19.27
C GLY A 418 3.15 -30.06 18.11
N VAL A 419 4.09 -30.38 17.26
CA VAL A 419 3.99 -31.24 16.10
C VAL A 419 3.95 -30.44 14.82
N GLY A 420 3.15 -29.40 14.73
CA GLY A 420 3.20 -28.52 13.54
C GLY A 420 4.56 -27.96 13.23
N MET A 421 5.19 -27.39 14.23
CA MET A 421 6.54 -26.83 14.00
C MET A 421 7.51 -27.93 13.75
N LEU A 422 7.33 -29.08 14.36
CA LEU A 422 8.24 -30.20 14.08
C LEU A 422 8.10 -30.66 12.64
N CYS A 423 6.86 -30.75 12.16
CA CYS A 423 6.65 -31.14 10.75
C CYS A 423 7.27 -30.11 9.79
N ARG A 424 7.12 -28.84 10.14
CA ARG A 424 7.67 -27.78 9.32
C ARG A 424 9.19 -27.92 9.22
N GLU A 425 9.83 -28.24 10.34
CA GLU A 425 11.33 -28.39 10.35
C GLU A 425 11.77 -29.51 9.39
N HIS A 426 10.98 -30.60 9.37
CA HIS A 426 11.24 -31.70 8.44
C HIS A 426 11.00 -31.25 7.01
N CYS A 427 9.91 -30.51 6.78
CA CYS A 427 9.68 -29.88 5.47
C CYS A 427 10.88 -29.06 5.00
N PHE A 428 11.34 -28.16 5.87
CA PHE A 428 12.51 -27.25 5.67
C PHE A 428 13.75 -28.06 5.24
N ARG A 429 14.02 -29.11 6.01
CA ARG A 429 15.19 -30.01 5.79
C ARG A 429 15.05 -30.75 4.49
N ASN A 430 13.86 -31.28 4.21
CA ASN A 430 13.62 -32.03 3.00
C ASN A 430 13.36 -31.25 1.72
N GLY A 431 13.33 -29.94 1.81
CA GLY A 431 13.14 -29.10 0.61
C GLY A 431 11.69 -28.98 0.12
N LEU A 432 10.75 -28.96 1.05
CA LEU A 432 9.34 -28.65 0.73
C LEU A 432 8.90 -27.51 1.60
N ILE A 433 8.33 -26.47 1.00
CA ILE A 433 7.74 -25.38 1.83
C ILE A 433 6.25 -25.69 2.01
N MET A 434 5.89 -26.02 3.23
CA MET A 434 4.51 -26.20 3.63
C MET A 434 4.40 -25.38 4.91
N ARG A 435 3.37 -24.59 5.04
CA ARG A 435 3.21 -23.76 6.24
C ARG A 435 2.52 -24.57 7.34
N ALA A 436 2.91 -24.33 8.57
CA ALA A 436 2.25 -24.88 9.76
C ALA A 436 1.44 -23.77 10.40
N VAL A 437 0.15 -23.99 10.62
CA VAL A 437 -0.69 -23.10 11.37
C VAL A 437 -1.18 -23.95 12.51
N GLY A 438 -0.59 -23.76 13.71
CA GLY A 438 -0.80 -24.71 14.80
C GLY A 438 -0.35 -26.13 14.34
N ASP A 439 -1.26 -27.09 14.45
CA ASP A 439 -1.00 -28.45 13.97
C ASP A 439 -1.70 -28.71 12.64
N THR A 440 -1.92 -27.65 11.85
CA THR A 440 -2.46 -27.80 10.53
C THR A 440 -1.40 -27.47 9.51
N MET A 441 -1.10 -28.40 8.62
CA MET A 441 -0.14 -28.15 7.56
C MET A 441 -0.89 -27.68 6.31
N ILE A 442 -0.32 -26.73 5.59
N ILE A 442 -0.35 -26.69 5.61
CA ILE A 442 -1.06 -26.03 4.52
CA ILE A 442 -1.09 -26.12 4.49
C ILE A 442 -0.21 -25.91 3.28
C ILE A 442 -0.21 -25.91 3.28
N ILE A 443 -0.82 -26.03 2.11
CA ILE A 443 -0.16 -25.73 0.87
C ILE A 443 -1.00 -24.82 0.02
N SER A 444 -0.31 -24.13 -0.87
CA SER A 444 -0.88 -23.20 -1.79
C SER A 444 0.05 -23.02 -2.97
N PRO A 445 0.20 -24.04 -3.83
CA PRO A 445 1.30 -23.96 -4.80
C PRO A 445 1.04 -23.04 -5.93
N PRO A 446 2.08 -22.65 -6.64
CA PRO A 446 1.81 -21.95 -7.90
C PRO A 446 0.85 -22.70 -8.80
N LEU A 447 -0.01 -21.95 -9.50
CA LEU A 447 -1.13 -22.48 -10.30
C LEU A 447 -0.60 -23.25 -11.51
N VAL A 448 0.63 -22.93 -11.95
CA VAL A 448 1.30 -23.53 -13.10
C VAL A 448 2.00 -24.85 -12.73
N ILE A 449 1.80 -25.29 -11.51
CA ILE A 449 2.43 -26.49 -11.07
C ILE A 449 1.96 -27.65 -11.93
N THR A 450 2.90 -28.51 -12.37
CA THR A 450 2.53 -29.68 -13.20
C THR A 450 2.25 -30.90 -12.37
N LYS A 451 1.65 -31.89 -13.04
CA LYS A 451 1.33 -33.21 -12.43
C LYS A 451 2.55 -33.95 -11.87
N PRO A 452 3.68 -33.91 -12.57
CA PRO A 452 4.91 -34.52 -11.96
C PRO A 452 5.39 -33.78 -10.74
N GLU A 453 5.25 -32.44 -10.79
CA GLU A 453 5.60 -31.57 -9.62
C GLU A 453 4.69 -31.82 -8.43
N ILE A 454 3.40 -32.05 -8.71
CA ILE A 454 2.47 -32.45 -7.67
C ILE A 454 2.92 -33.78 -7.07
N ASP A 455 3.30 -34.73 -7.94
CA ASP A 455 3.83 -36.02 -7.43
C ASP A 455 5.01 -35.82 -6.49
N GLU A 456 5.91 -34.93 -6.86
CA GLU A 456 7.04 -34.63 -6.02
C GLU A 456 6.63 -34.06 -4.67
N LEU A 457 5.62 -33.20 -4.70
CA LEU A 457 5.13 -32.55 -3.50
C LEU A 457 4.57 -33.59 -2.57
N ILE A 458 3.78 -34.50 -3.13
CA ILE A 458 3.14 -35.55 -2.35
C ILE A 458 4.14 -36.53 -1.72
N THR A 459 5.14 -36.89 -2.51
CA THR A 459 6.25 -37.74 -2.02
C THR A 459 6.97 -37.05 -0.86
N LEU A 460 7.38 -35.80 -1.06
CA LEU A 460 8.03 -35.02 0.01
C LEU A 460 7.17 -34.84 1.24
N ALA A 461 5.88 -34.58 1.02
CA ALA A 461 4.98 -34.43 2.18
C ALA A 461 4.88 -35.68 2.98
N ARG A 462 4.73 -36.82 2.30
CA ARG A 462 4.60 -38.10 3.00
C ARG A 462 5.89 -38.39 3.78
N LYS A 463 7.05 -38.12 3.18
CA LYS A 463 8.32 -38.24 3.88
C LYS A 463 8.38 -37.42 5.15
N CYS A 464 7.95 -36.16 5.08
CA CYS A 464 7.92 -35.26 6.24
C CYS A 464 6.96 -35.73 7.30
N LEU A 465 5.81 -36.25 6.89
CA LEU A 465 4.90 -36.82 7.86
C LEU A 465 5.51 -38.10 8.55
N ASP A 466 6.13 -38.98 7.77
CA ASP A 466 6.81 -40.17 8.33
C ASP A 466 7.86 -39.72 9.35
N GLN A 467 8.74 -38.81 8.96
CA GLN A 467 9.78 -38.41 9.88
C GLN A 467 9.24 -37.74 11.14
N THR A 468 8.14 -36.97 11.01
CA THR A 468 7.50 -36.37 12.13
C THR A 468 6.91 -37.44 13.07
N ALA A 469 6.14 -38.40 12.49
CA ALA A 469 5.56 -39.51 13.26
C ALA A 469 6.64 -40.29 14.07
N ALA A 470 7.72 -40.66 13.38
CA ALA A 470 8.85 -41.37 14.01
C ALA A 470 9.26 -40.68 15.32
N VAL A 471 9.46 -39.37 15.25
CA VAL A 471 9.90 -38.57 16.40
C VAL A 471 8.80 -38.36 17.44
N ALA A 472 7.56 -38.19 17.00
CA ALA A 472 6.51 -37.76 17.89
C ALA A 472 5.54 -38.88 18.36
N LEU A 473 5.30 -39.91 17.55
CA LEU A 473 4.28 -40.92 17.86
C LEU A 473 4.84 -42.08 18.70
N ARG B 56 -3.76 15.55 -26.61
CA ARG B 56 -2.28 15.60 -26.38
C ARG B 56 -1.81 14.44 -25.47
N ILE B 57 -0.75 13.76 -25.91
CA ILE B 57 -0.36 12.47 -25.39
C ILE B 57 1.08 12.43 -25.06
N ILE B 58 1.44 11.86 -23.91
CA ILE B 58 2.86 11.77 -23.56
C ILE B 58 3.42 10.45 -24.05
N THR B 59 4.57 10.51 -24.72
CA THR B 59 5.17 9.32 -25.29
C THR B 59 6.50 9.01 -24.64
N LYS B 60 7.28 10.03 -24.28
CA LYS B 60 8.45 9.78 -23.47
C LYS B 60 8.72 10.84 -22.44
N ALA B 61 9.62 10.49 -21.54
CA ALA B 61 10.10 11.41 -20.56
C ALA B 61 11.60 11.25 -20.29
N GLU B 62 12.30 12.37 -20.09
CA GLU B 62 13.71 12.29 -19.78
C GLU B 62 14.21 13.52 -19.07
N GLY B 63 14.97 13.33 -18.00
CA GLY B 63 15.42 14.41 -17.12
C GLY B 63 14.20 15.07 -16.49
N VAL B 64 14.03 16.37 -16.76
CA VAL B 64 12.85 17.11 -16.31
C VAL B 64 11.77 17.26 -17.35
N TYR B 65 11.91 16.59 -18.50
CA TYR B 65 11.01 16.84 -19.62
C TYR B 65 10.16 15.68 -20.02
N LEU B 66 8.91 16.00 -20.34
CA LEU B 66 8.02 15.09 -21.01
C LEU B 66 7.98 15.49 -22.49
N TRP B 67 7.74 14.53 -23.37
CA TRP B 67 7.52 14.81 -24.78
C TRP B 67 6.19 14.31 -25.19
N ASP B 68 5.41 15.17 -25.81
CA ASP B 68 4.13 14.75 -26.35
C ASP B 68 4.35 14.06 -27.71
N SER B 69 3.29 13.45 -28.24
CA SER B 69 3.38 12.64 -29.46
C SER B 69 3.82 13.50 -30.68
N GLU B 70 3.44 14.77 -30.66
CA GLU B 70 3.74 15.72 -31.72
C GLU B 70 5.28 15.92 -31.72
N GLY B 71 5.89 16.07 -30.53
CA GLY B 71 7.32 16.42 -30.41
C GLY B 71 7.58 17.64 -29.51
N ASN B 72 6.53 18.27 -28.97
CA ASN B 72 6.70 19.36 -28.00
C ASN B 72 7.24 18.85 -26.63
N LYS B 73 8.23 19.56 -26.07
CA LYS B 73 8.75 19.22 -24.76
C LYS B 73 7.97 20.04 -23.73
N ILE B 74 7.63 19.37 -22.64
CA ILE B 74 6.95 19.97 -21.51
C ILE B 74 7.88 19.87 -20.31
N LEU B 75 8.13 20.99 -19.63
CA LEU B 75 8.97 20.97 -18.47
C LEU B 75 8.08 20.58 -17.26
N ASP B 76 8.38 19.43 -16.67
CA ASP B 76 7.50 18.91 -15.59
C ASP B 76 7.95 19.51 -14.31
N GLY B 77 7.39 20.67 -14.01
CA GLY B 77 7.72 21.41 -12.84
C GLY B 77 7.16 20.81 -11.56
N MET B 78 6.34 19.75 -11.64
CA MET B 78 5.80 19.07 -10.44
C MET B 78 6.44 17.68 -10.19
N ALA B 79 7.40 17.28 -11.00
CA ALA B 79 8.10 16.00 -10.82
C ALA B 79 7.10 14.82 -10.63
N GLY B 80 6.24 14.69 -11.62
CA GLY B 80 5.13 13.74 -11.62
C GLY B 80 4.14 14.15 -10.53
N LEU B 81 4.23 13.53 -9.35
CA LEU B 81 3.48 14.01 -8.22
C LEU B 81 4.40 14.20 -7.06
N TRP B 82 5.22 15.23 -7.17
CA TRP B 82 6.20 15.56 -6.15
C TRP B 82 7.16 14.44 -5.85
N CYS B 83 7.41 13.57 -6.82
CA CYS B 83 8.13 12.35 -6.58
C CYS B 83 9.31 11.98 -7.49
N MET B 84 9.39 12.48 -8.71
CA MET B 84 10.38 11.99 -9.67
C MET B 84 11.70 12.68 -9.40
N ASN B 85 12.30 12.37 -8.26
CA ASN B 85 13.36 13.18 -7.71
C ASN B 85 14.68 13.10 -8.51
N VAL B 86 15.02 11.93 -9.00
CA VAL B 86 16.21 11.75 -9.83
C VAL B 86 15.90 11.98 -11.28
N GLY B 87 14.71 12.49 -11.59
CA GLY B 87 14.30 12.65 -12.94
C GLY B 87 13.91 11.42 -13.70
N TYR B 88 13.42 11.68 -14.90
CA TYR B 88 12.95 10.63 -15.75
C TYR B 88 14.06 10.01 -16.54
N GLY B 89 13.83 8.76 -16.95
CA GLY B 89 14.67 7.99 -17.82
C GLY B 89 15.90 7.42 -17.17
N ARG B 90 15.89 7.17 -15.85
CA ARG B 90 17.04 6.57 -15.16
C ARG B 90 17.05 5.08 -15.31
N LYS B 91 17.78 4.66 -16.32
CA LYS B 91 17.94 3.28 -16.68
C LYS B 91 18.32 2.37 -15.56
N GLU B 92 19.12 2.85 -14.64
CA GLU B 92 19.64 2.00 -13.53
C GLU B 92 18.49 1.42 -12.70
N LEU B 93 17.44 2.21 -12.52
CA LEU B 93 16.30 1.83 -11.72
C LEU B 93 15.49 0.72 -12.39
N ALA B 94 15.25 0.84 -13.68
CA ALA B 94 14.61 -0.20 -14.43
C ALA B 94 15.45 -1.48 -14.44
N GLU B 95 16.73 -1.33 -14.61
CA GLU B 95 17.62 -2.53 -14.60
C GLU B 95 17.61 -3.27 -13.29
N VAL B 96 17.71 -2.55 -12.18
CA VAL B 96 17.66 -3.19 -10.85
C VAL B 96 16.30 -3.90 -10.63
N ALA B 97 15.20 -3.27 -11.04
CA ALA B 97 13.90 -3.93 -10.93
C ALA B 97 13.86 -5.21 -11.75
N TYR B 98 14.31 -5.10 -12.99
CA TYR B 98 14.32 -6.23 -13.90
C TYR B 98 15.04 -7.44 -13.29
N LYS B 99 16.27 -7.20 -12.85
CA LYS B 99 17.10 -8.25 -12.27
C LYS B 99 16.45 -8.83 -11.00
N GLN B 100 16.01 -7.97 -10.08
CA GLN B 100 15.40 -8.50 -8.88
C GLN B 100 14.15 -9.35 -9.19
N MET B 101 13.35 -8.89 -10.17
CA MET B 101 12.15 -9.64 -10.53
C MET B 101 12.40 -11.04 -11.08
N LEU B 102 13.44 -11.16 -11.92
CA LEU B 102 13.84 -12.44 -12.43
C LEU B 102 14.49 -13.32 -11.40
N GLU B 103 15.39 -12.75 -10.63
CA GLU B 103 16.20 -13.45 -9.66
C GLU B 103 15.35 -13.95 -8.45
N LEU B 104 14.93 -13.05 -7.58
CA LEU B 104 14.10 -13.41 -6.43
C LEU B 104 13.09 -12.28 -6.19
N PRO B 105 11.93 -12.42 -6.81
CA PRO B 105 10.99 -11.31 -6.75
C PRO B 105 10.37 -11.12 -5.39
N TYR B 106 10.27 -12.14 -4.60
CA TYR B 106 9.49 -12.07 -3.39
C TYR B 106 10.03 -12.97 -2.29
N TYR B 107 9.45 -12.86 -1.10
CA TYR B 107 9.79 -13.75 0.02
C TYR B 107 9.15 -15.14 -0.14
N ASN B 108 9.73 -16.09 0.59
CA ASN B 108 9.11 -17.40 0.81
C ASN B 108 9.12 -17.57 2.34
N LEU B 109 8.43 -18.60 2.82
CA LEU B 109 8.19 -18.75 4.25
C LEU B 109 9.41 -19.22 5.02
N PHE B 110 10.40 -19.83 4.36
CA PHE B 110 11.47 -20.54 5.10
C PHE B 110 12.84 -19.82 5.09
N PHE B 111 13.30 -19.39 3.92
CA PHE B 111 14.64 -18.97 3.72
C PHE B 111 14.72 -17.65 3.04
N GLN B 112 15.79 -16.90 3.28
CA GLN B 112 15.98 -15.62 2.62
C GLN B 112 17.00 -15.65 1.51
N THR B 113 17.18 -14.53 0.86
CA THR B 113 18.14 -14.38 -0.19
C THR B 113 19.51 -13.90 0.29
N ALA B 114 20.47 -13.97 -0.63
CA ALA B 114 21.86 -13.62 -0.41
C ALA B 114 22.04 -12.26 0.25
N HIS B 115 21.58 -11.21 -0.45
CA HIS B 115 21.70 -9.86 0.04
C HIS B 115 20.33 -9.22 -0.07
N PRO B 116 19.45 -9.44 0.93
CA PRO B 116 18.05 -9.01 0.76
C PRO B 116 18.02 -7.49 0.61
N PRO B 117 17.46 -7.01 -0.48
CA PRO B 117 17.50 -5.57 -0.70
C PRO B 117 16.76 -4.79 0.39
N ALA B 118 15.71 -5.37 0.98
CA ALA B 118 14.97 -4.65 2.01
C ALA B 118 15.84 -4.33 3.26
N LEU B 119 16.69 -5.29 3.62
CA LEU B 119 17.61 -5.09 4.77
C LEU B 119 18.64 -4.00 4.47
N GLU B 120 19.27 -4.07 3.29
CA GLU B 120 20.21 -3.03 2.88
C GLU B 120 19.53 -1.67 2.79
N LEU B 121 18.29 -1.65 2.33
CA LEU B 121 17.57 -0.41 2.25
C LEU B 121 17.33 0.16 3.61
N ALA B 122 16.89 -0.68 4.54
CA ALA B 122 16.68 -0.19 5.91
C ALA B 122 17.95 0.41 6.49
N LYS B 123 19.10 -0.23 6.32
CA LYS B 123 20.41 0.33 6.74
C LYS B 123 20.71 1.62 6.01
N ALA B 124 20.54 1.64 4.69
CA ALA B 124 20.78 2.85 3.96
C ALA B 124 19.90 4.01 4.49
N ILE B 125 18.63 3.76 4.82
CA ILE B 125 17.78 4.85 5.32
C ILE B 125 18.17 5.25 6.75
N ALA B 126 18.47 4.26 7.59
CA ALA B 126 19.01 4.49 8.96
C ALA B 126 20.22 5.45 8.94
N ASP B 127 21.08 5.35 7.92
CA ASP B 127 22.24 6.23 7.78
C ASP B 127 21.95 7.65 7.39
N ILE B 128 20.82 7.94 6.78
CA ILE B 128 20.49 9.33 6.42
C ILE B 128 19.37 9.92 7.22
N ALA B 129 18.66 9.13 8.02
CA ALA B 129 17.56 9.64 8.79
C ALA B 129 18.07 10.44 9.99
N PRO B 130 17.21 11.24 10.62
CA PRO B 130 17.60 11.87 11.86
C PRO B 130 18.15 10.87 12.86
N GLU B 131 19.02 11.37 13.68
CA GLU B 131 19.75 10.59 14.65
C GLU B 131 18.76 9.86 15.61
N GLY B 132 19.00 8.60 15.87
CA GLY B 132 18.13 7.78 16.73
C GLY B 132 16.92 7.11 16.06
N MET B 133 16.86 7.20 14.75
CA MET B 133 15.75 6.63 13.98
C MET B 133 16.35 5.60 13.08
N ASN B 134 16.51 4.40 13.58
CA ASN B 134 17.24 3.37 12.81
C ASN B 134 16.37 2.19 12.41
N HIS B 135 15.07 2.33 12.56
CA HIS B 135 14.13 1.30 12.10
C HIS B 135 13.22 1.85 11.03
N VAL B 136 12.95 1.04 10.04
CA VAL B 136 12.00 1.43 9.00
C VAL B 136 11.06 0.27 8.67
N PHE B 137 9.78 0.57 8.64
CA PHE B 137 8.73 -0.47 8.39
C PHE B 137 8.21 -0.09 6.99
N PHE B 138 8.19 -1.04 6.07
CA PHE B 138 7.81 -0.75 4.70
C PHE B 138 6.32 -1.04 4.45
N THR B 139 5.76 -0.33 3.48
CA THR B 139 4.39 -0.40 3.10
C THR B 139 4.29 -0.31 1.57
N GLY B 140 3.05 -0.32 1.08
CA GLY B 140 2.78 -0.21 -0.35
C GLY B 140 2.71 1.18 -0.93
N SER B 141 2.52 2.16 -0.10
CA SER B 141 2.22 3.49 -0.52
C SER B 141 2.28 4.44 0.63
N GLY B 142 2.34 5.72 0.28
CA GLY B 142 2.25 6.81 1.25
C GLY B 142 0.94 6.84 2.06
N SER B 143 -0.21 6.57 1.43
N SER B 143 -0.19 6.61 1.41
CA SER B 143 -1.46 6.53 2.21
CA SER B 143 -1.45 6.56 2.15
C SER B 143 -1.46 5.34 3.17
C SER B 143 -1.46 5.37 3.13
N GLU B 144 -0.86 4.23 2.77
CA GLU B 144 -0.74 3.12 3.68
C GLU B 144 0.16 3.51 4.87
N SER B 145 1.24 4.23 4.59
CA SER B 145 2.13 4.72 5.66
C SER B 145 1.40 5.62 6.64
N ASN B 146 0.47 6.45 6.16
CA ASN B 146 -0.34 7.27 7.09
C ASN B 146 -1.29 6.46 7.95
N ASP B 147 -1.91 5.42 7.40
CA ASP B 147 -2.75 4.52 8.21
C ASP B 147 -1.88 3.80 9.22
N THR B 148 -0.73 3.35 8.76
CA THR B 148 0.17 2.61 9.57
C THR B 148 0.67 3.44 10.77
N VAL B 149 1.03 4.69 10.56
CA VAL B 149 1.52 5.48 11.68
C VAL B 149 0.46 5.76 12.71
N LEU B 150 -0.78 5.93 12.30
CA LEU B 150 -1.86 6.14 13.24
C LEU B 150 -2.07 4.89 14.12
N ARG B 151 -1.96 3.70 13.52
CA ARG B 151 -2.03 2.50 14.31
C ARG B 151 -0.87 2.37 15.26
N MET B 152 0.36 2.71 14.81
CA MET B 152 1.54 2.57 15.65
C MET B 152 1.44 3.44 16.88
N VAL B 153 0.95 4.68 16.71
CA VAL B 153 0.96 5.56 17.85
C VAL B 153 0.01 5.08 18.92
N ARG B 154 -1.16 4.59 18.50
CA ARG B 154 -2.21 4.07 19.39
C ARG B 154 -1.76 2.77 20.09
N HIS B 155 -1.16 1.85 19.34
CA HIS B 155 -0.55 0.66 19.92
C HIS B 155 0.57 0.99 20.93
N TYR B 156 1.44 1.93 20.57
CA TYR B 156 2.47 2.42 21.49
C TYR B 156 1.89 2.78 22.85
N TRP B 157 0.92 3.69 22.87
CA TRP B 157 0.46 4.18 24.13
C TRP B 157 -0.30 3.05 24.86
N SER B 158 -1.01 2.21 24.11
CA SER B 158 -1.70 1.06 24.67
C SER B 158 -0.72 0.11 25.37
N ILE B 159 0.41 -0.21 24.75
CA ILE B 159 1.49 -1.00 25.36
C ILE B 159 2.16 -0.34 26.53
N LYS B 160 2.22 0.98 26.56
CA LYS B 160 2.72 1.68 27.74
C LYS B 160 1.71 1.64 28.87
N GLY B 161 0.53 1.07 28.64
CA GLY B 161 -0.54 1.12 29.63
C GLY B 161 -1.35 2.37 29.64
N LYS B 162 -1.49 3.07 28.51
CA LYS B 162 -2.33 4.30 28.49
C LYS B 162 -3.21 4.33 27.25
N PRO B 163 -4.08 3.29 27.11
CA PRO B 163 -4.90 3.14 25.91
C PRO B 163 -5.92 4.26 25.78
N GLN B 164 -5.98 5.16 26.74
CA GLN B 164 -6.83 6.33 26.49
C GLN B 164 -6.23 7.39 25.54
N LYS B 165 -4.94 7.37 25.35
CA LYS B 165 -4.29 8.35 24.45
C LYS B 165 -4.50 7.88 23.02
N LYS B 166 -5.56 8.36 22.41
CA LYS B 166 -5.96 7.90 21.09
C LYS B 166 -6.02 9.04 20.09
N VAL B 167 -6.21 10.26 20.56
CA VAL B 167 -6.52 11.35 19.67
C VAL B 167 -5.25 11.85 18.95
N VAL B 168 -5.36 12.07 17.64
CA VAL B 168 -4.24 12.56 16.85
C VAL B 168 -4.60 13.97 16.39
N ILE B 169 -3.68 14.88 16.65
CA ILE B 169 -3.82 16.28 16.29
C ILE B 169 -3.06 16.56 14.98
N GLY B 170 -3.78 16.99 13.97
CA GLY B 170 -3.20 17.46 12.71
C GLY B 170 -3.62 18.91 12.51
N ARG B 171 -3.41 19.39 11.28
CA ARG B 171 -3.64 20.76 10.88
C ARG B 171 -4.60 20.79 9.73
N TRP B 172 -5.42 21.84 9.69
CA TRP B 172 -6.34 22.10 8.55
C TRP B 172 -5.50 22.20 7.31
N ASN B 173 -6.01 21.62 6.24
CA ASN B 173 -5.34 21.62 4.95
C ASN B 173 -4.12 20.69 4.97
N PRO B 200 -12.91 11.74 13.81
CA PRO B 200 -12.92 10.29 14.07
C PRO B 200 -11.65 9.82 14.84
N GLY B 201 -11.42 10.36 16.04
CA GLY B 201 -10.10 10.27 16.71
C GLY B 201 -8.98 11.21 16.16
N ILE B 202 -9.36 12.14 15.27
CA ILE B 202 -8.49 13.14 14.67
C ILE B 202 -9.10 14.52 14.91
N VAL B 203 -8.32 15.46 15.41
CA VAL B 203 -8.75 16.85 15.47
C VAL B 203 -7.72 17.71 14.76
N HIS B 204 -8.12 18.94 14.44
CA HIS B 204 -7.30 19.82 13.65
C HIS B 204 -7.07 21.16 14.31
N ILE B 205 -5.86 21.68 14.19
CA ILE B 205 -5.50 23.01 14.59
C ILE B 205 -5.11 23.83 13.35
N ALA B 206 -4.87 25.12 13.58
CA ALA B 206 -4.52 26.09 12.53
C ALA B 206 -3.19 25.76 11.88
N GLN B 207 -3.19 26.01 10.59
CA GLN B 207 -2.00 25.83 9.75
C GLN B 207 -1.20 27.13 9.77
N PRO B 208 0.10 27.04 9.75
CA PRO B 208 0.92 28.23 9.80
C PRO B 208 1.06 28.92 8.39
N TYR B 209 -0.07 29.35 7.87
CA TYR B 209 -0.22 29.99 6.53
C TYR B 209 -0.35 31.50 6.73
N TRP B 210 0.80 32.17 6.83
CA TRP B 210 0.83 33.62 7.10
C TRP B 210 0.06 34.43 6.07
N TYR B 211 0.28 34.15 4.79
CA TYR B 211 -0.33 34.97 3.74
C TYR B 211 -1.84 34.96 3.78
N GLY B 212 -2.41 33.80 3.99
CA GLY B 212 -3.86 33.67 4.01
C GLY B 212 -4.48 33.89 5.37
N GLU B 213 -3.79 33.63 6.45
CA GLU B 213 -4.43 33.62 7.77
C GLU B 213 -3.67 34.41 8.83
N GLY B 214 -2.61 35.11 8.43
CA GLY B 214 -1.80 35.85 9.39
C GLY B 214 -2.43 37.09 10.07
N GLY B 215 -3.62 37.53 9.64
CA GLY B 215 -4.21 38.84 10.05
C GLY B 215 -3.23 40.02 10.11
N ASP B 216 -3.06 40.61 11.29
CA ASP B 216 -2.23 41.79 11.43
C ASP B 216 -0.87 41.47 11.96
N MET B 217 -0.51 40.18 12.04
CA MET B 217 0.71 39.81 12.74
C MET B 217 1.85 39.78 11.76
N SER B 218 3.05 39.95 12.24
CA SER B 218 4.23 39.60 11.45
C SER B 218 4.37 38.08 11.27
N ALA B 219 5.20 37.68 10.33
CA ALA B 219 5.50 36.26 10.14
C ALA B 219 6.02 35.68 11.46
N GLU B 220 7.02 36.34 12.07
CA GLU B 220 7.58 35.84 13.31
C GLU B 220 6.52 35.64 14.38
N GLU B 221 5.64 36.61 14.56
CA GLU B 221 4.64 36.52 15.63
C GLU B 221 3.63 35.46 15.30
N PHE B 222 3.24 35.39 14.03
CA PHE B 222 2.23 34.44 13.62
C PHE B 222 2.71 32.95 13.76
N GLY B 223 3.97 32.74 13.52
CA GLY B 223 4.59 31.46 13.71
C GLY B 223 4.43 30.95 15.12
N VAL B 224 4.62 31.87 16.07
CA VAL B 224 4.43 31.59 17.48
C VAL B 224 2.97 31.27 17.75
N TRP B 225 2.08 32.15 17.31
CA TRP B 225 0.67 31.95 17.53
C TRP B 225 0.17 30.60 16.95
N ALA B 226 0.59 30.28 15.72
CA ALA B 226 0.10 29.03 15.10
C ALA B 226 0.61 27.80 15.87
N ALA B 227 1.85 27.85 16.35
CA ALA B 227 2.39 26.81 17.19
C ALA B 227 1.66 26.66 18.52
N GLU B 228 1.29 27.80 19.12
CA GLU B 228 0.56 27.82 20.39
C GLU B 228 -0.80 27.18 20.22
N GLN B 229 -1.36 27.14 19.02
CA GLN B 229 -2.64 26.44 18.88
C GLN B 229 -2.53 24.94 19.18
N LEU B 230 -1.33 24.38 19.05
CA LEU B 230 -1.14 22.99 19.42
C LEU B 230 -1.33 22.76 20.97
N GLU B 231 -0.69 23.61 21.77
CA GLU B 231 -0.81 23.53 23.23
C GLU B 231 -2.24 23.70 23.64
N LYS B 232 -2.90 24.69 23.04
CA LYS B 232 -4.29 24.95 23.32
C LYS B 232 -5.15 23.73 23.02
N LYS B 233 -4.89 23.05 21.88
CA LYS B 233 -5.68 21.86 21.54
C LYS B 233 -5.37 20.70 22.47
N ILE B 234 -4.11 20.51 22.85
CA ILE B 234 -3.76 19.49 23.78
C ILE B 234 -4.57 19.62 25.08
N LEU B 235 -4.65 20.83 25.63
CA LEU B 235 -5.31 21.07 26.92
C LEU B 235 -6.79 20.93 26.82
N GLU B 236 -7.32 21.43 25.74
CA GLU B 236 -8.72 21.28 25.44
C GLU B 236 -9.14 19.80 25.31
N VAL B 237 -8.35 18.97 24.63
CA VAL B 237 -8.71 17.58 24.45
C VAL B 237 -8.32 16.82 25.75
N GLY B 238 -7.26 17.28 26.42
CA GLY B 238 -6.72 16.66 27.61
C GLY B 238 -5.58 15.74 27.21
N GLU B 239 -4.43 15.93 27.85
CA GLU B 239 -3.24 15.23 27.51
C GLU B 239 -3.41 13.72 27.57
N GLU B 240 -4.20 13.31 28.55
CA GLU B 240 -4.41 11.91 28.80
C GLU B 240 -5.26 11.24 27.70
N ASN B 241 -5.99 12.04 26.91
CA ASN B 241 -6.64 11.53 25.69
C ASN B 241 -5.85 11.66 24.35
N VAL B 242 -4.67 12.26 24.41
CA VAL B 242 -3.92 12.65 23.17
C VAL B 242 -2.84 11.66 22.92
N ALA B 243 -2.82 11.13 21.70
CA ALA B 243 -1.71 10.24 21.28
C ALA B 243 -0.50 10.94 20.56
N ALA B 244 -0.81 11.87 19.69
CA ALA B 244 0.19 12.32 18.72
C ALA B 244 -0.23 13.59 18.06
N PHE B 245 0.79 14.30 17.55
CA PHE B 245 0.69 15.42 16.64
C PHE B 245 1.30 14.96 15.31
N ILE B 246 0.60 15.26 14.22
CA ILE B 246 1.05 14.86 12.89
C ILE B 246 1.08 16.13 12.01
N ALA B 247 2.18 16.26 11.27
CA ALA B 247 2.43 17.47 10.47
C ALA B 247 3.53 17.26 9.48
N GLU B 248 3.30 17.74 8.26
CA GLU B 248 4.41 17.83 7.32
C GLU B 248 5.33 19.02 7.75
N PRO B 249 6.64 18.89 7.52
CA PRO B 249 7.53 20.08 7.77
C PRO B 249 7.07 21.35 7.02
N ILE B 250 6.66 21.14 5.76
CA ILE B 250 6.00 22.11 4.90
C ILE B 250 4.78 21.45 4.25
N GLN B 251 3.62 22.06 4.30
CA GLN B 251 2.40 21.40 3.73
C GLN B 251 2.46 21.53 2.24
N GLY B 252 2.50 20.41 1.51
CA GLY B 252 2.71 20.42 0.06
C GLY B 252 1.42 20.71 -0.68
N ALA B 253 0.50 19.78 -0.60
CA ALA B 253 -0.73 19.83 -1.46
C ALA B 253 -1.62 21.01 -1.11
N GLY B 254 -1.53 21.43 0.14
CA GLY B 254 -2.22 22.62 0.59
C GLY B 254 -1.70 23.95 0.04
N GLY B 255 -0.60 23.96 -0.71
CA GLY B 255 -0.09 25.17 -1.33
C GLY B 255 1.33 25.55 -0.99
N VAL B 256 2.20 24.58 -0.76
CA VAL B 256 3.56 24.85 -0.28
C VAL B 256 3.54 25.93 0.80
N ILE B 257 2.84 25.62 1.89
CA ILE B 257 2.72 26.56 3.00
C ILE B 257 3.97 26.50 3.86
N VAL B 258 4.89 27.41 3.57
CA VAL B 258 6.16 27.53 4.28
C VAL B 258 5.87 28.21 5.61
N PRO B 259 6.17 27.56 6.74
CA PRO B 259 5.87 28.16 8.02
C PRO B 259 6.91 29.23 8.37
N PRO B 260 6.53 30.21 9.20
CA PRO B 260 7.55 31.12 9.74
C PRO B 260 8.67 30.43 10.48
N ASP B 261 9.82 31.09 10.55
CA ASP B 261 10.98 30.48 11.18
C ASP B 261 10.76 30.21 12.67
N THR B 262 9.84 30.91 13.31
CA THR B 262 9.52 30.73 14.73
C THR B 262 8.57 29.55 14.98
N TYR B 263 7.93 29.01 13.95
CA TYR B 263 6.94 27.93 14.10
C TYR B 263 7.51 26.64 14.70
N TRP B 264 8.44 26.01 14.02
CA TRP B 264 8.96 24.75 14.52
C TRP B 264 9.64 24.82 15.90
N PRO B 265 10.42 25.88 16.19
CA PRO B 265 10.98 25.99 17.55
C PRO B 265 9.90 26.06 18.61
N LYS B 266 8.86 26.83 18.38
CA LYS B 266 7.81 26.87 19.31
C LYS B 266 7.08 25.50 19.47
N ILE B 267 6.79 24.81 18.36
CA ILE B 267 6.19 23.48 18.44
C ILE B 267 7.08 22.57 19.25
N ARG B 268 8.36 22.62 19.06
CA ARG B 268 9.24 21.71 19.81
C ARG B 268 9.16 21.94 21.30
N GLU B 269 8.99 23.20 21.70
CA GLU B 269 8.84 23.55 23.11
C GLU B 269 7.55 22.97 23.65
N ILE B 270 6.49 23.03 22.88
CA ILE B 270 5.23 22.48 23.31
C ILE B 270 5.29 20.95 23.40
N LEU B 271 5.90 20.30 22.42
CA LEU B 271 5.97 18.83 22.42
C LEU B 271 6.76 18.34 23.61
N ALA B 272 7.76 19.13 24.02
CA ALA B 272 8.66 18.75 25.14
C ALA B 272 7.95 18.72 26.49
N LYS B 273 6.87 19.49 26.60
CA LYS B 273 6.09 19.54 27.82
C LYS B 273 5.05 18.42 27.95
N TYR B 274 4.69 17.74 26.85
CA TYR B 274 3.57 16.78 26.90
C TYR B 274 3.96 15.37 26.50
N GLU B 275 3.13 14.45 26.93
CA GLU B 275 3.25 13.06 26.51
C GLU B 275 2.47 12.90 25.20
N ILE B 276 3.18 13.01 24.10
CA ILE B 276 2.55 13.11 22.77
C ILE B 276 3.63 12.67 21.78
N LEU B 277 3.33 11.78 20.84
CA LEU B 277 4.31 11.38 19.83
C LEU B 277 4.26 12.44 18.67
N PHE B 278 5.40 12.64 18.07
CA PHE B 278 5.56 13.55 16.95
C PHE B 278 5.70 12.74 15.69
N ILE B 279 4.68 12.82 14.83
CA ILE B 279 4.74 12.23 13.47
C ILE B 279 5.03 13.36 12.48
N ALA B 280 6.16 13.23 11.83
CA ALA B 280 6.59 14.18 10.83
C ALA B 280 6.35 13.53 9.49
N ASP B 281 5.35 14.01 8.80
CA ASP B 281 4.97 13.41 7.52
C ASP B 281 5.93 13.91 6.42
N GLU B 282 6.79 13.01 6.00
CA GLU B 282 7.83 13.21 5.00
C GLU B 282 7.52 12.61 3.62
N VAL B 283 6.23 12.39 3.33
CA VAL B 283 5.91 11.78 2.04
C VAL B 283 6.42 12.70 0.88
N ILE B 284 6.21 13.98 0.98
CA ILE B 284 6.72 14.97 -0.03
C ILE B 284 8.13 15.45 0.23
N CYS B 285 8.40 15.91 1.44
CA CYS B 285 9.71 16.48 1.79
C CYS B 285 10.84 15.52 1.85
N GLY B 286 10.56 14.22 1.94
CA GLY B 286 11.60 13.22 2.09
C GLY B 286 12.49 12.99 0.87
N PHE B 287 13.67 12.48 1.14
CA PHE B 287 14.66 12.12 0.14
C PHE B 287 15.09 13.31 -0.74
N GLY B 288 15.36 14.42 -0.06
CA GLY B 288 16.21 15.45 -0.67
C GLY B 288 15.54 16.76 -1.01
N ARG B 289 14.22 16.81 -0.86
CA ARG B 289 13.44 17.86 -1.43
C ARG B 289 13.74 19.21 -0.83
N THR B 290 14.16 19.26 0.44
CA THR B 290 14.48 20.52 1.02
C THR B 290 15.98 20.85 0.92
N GLY B 291 16.81 19.99 0.36
CA GLY B 291 18.23 20.14 0.50
C GLY B 291 18.85 19.34 1.62
N GLU B 292 18.08 19.01 2.64
CA GLU B 292 18.45 17.94 3.56
C GLU B 292 17.75 16.67 3.11
N TRP B 293 18.15 15.54 3.67
CA TRP B 293 17.52 14.29 3.34
C TRP B 293 16.01 14.34 3.71
N PHE B 294 15.69 14.98 4.82
CA PHE B 294 14.31 15.11 5.30
C PHE B 294 14.00 16.53 5.71
N GLY B 295 12.74 16.92 5.54
CA GLY B 295 12.27 18.22 5.98
C GLY B 295 12.53 18.44 7.48
N SER B 296 12.44 17.36 8.26
CA SER B 296 12.70 17.40 9.68
C SER B 296 14.15 17.92 9.97
N GLN B 297 15.12 17.47 9.20
CA GLN B 297 16.49 17.94 9.38
C GLN B 297 16.64 19.38 8.92
N TYR B 298 15.87 19.84 7.94
CA TYR B 298 15.91 21.22 7.53
C TYR B 298 15.44 22.12 8.66
N TYR B 299 14.45 21.72 9.42
CA TYR B 299 13.94 22.59 10.50
C TYR B 299 14.48 22.26 11.88
N GLY B 300 15.32 21.24 12.00
CA GLY B 300 15.90 20.77 13.27
C GLY B 300 14.93 20.00 14.20
N ASN B 301 14.02 19.21 13.62
CA ASN B 301 13.05 18.44 14.42
C ASN B 301 13.54 17.04 14.60
N ALA B 302 13.25 16.45 15.74
CA ALA B 302 13.63 15.08 16.05
C ALA B 302 12.31 14.29 16.23
N PRO B 303 11.69 13.80 15.14
CA PRO B 303 10.38 13.20 15.29
C PRO B 303 10.43 11.80 15.83
N ASP B 304 9.29 11.31 16.26
CA ASP B 304 9.16 9.89 16.62
C ASP B 304 8.89 8.91 15.48
N LEU B 305 8.08 9.33 14.52
CA LEU B 305 7.76 8.55 13.33
C LEU B 305 7.77 9.45 12.08
N MET B 306 8.23 8.92 10.96
CA MET B 306 8.18 9.66 9.69
C MET B 306 7.66 8.76 8.55
N PRO B 307 6.40 8.91 8.17
CA PRO B 307 5.91 8.26 6.96
C PRO B 307 6.69 8.79 5.76
N ILE B 308 7.08 7.88 4.90
CA ILE B 308 7.76 8.19 3.63
C ILE B 308 7.14 7.44 2.46
N ALA B 309 7.38 7.98 1.26
CA ALA B 309 7.06 7.32 -0.02
C ALA B 309 7.67 8.18 -1.12
N LYS B 310 7.01 8.28 -2.26
CA LYS B 310 7.42 9.16 -3.39
C LYS B 310 8.94 9.10 -3.71
N GLY B 311 9.70 10.09 -3.19
CA GLY B 311 11.13 10.16 -3.33
C GLY B 311 11.92 8.93 -2.92
N LEU B 312 11.33 8.08 -2.09
CA LEU B 312 11.89 6.77 -1.78
C LEU B 312 12.32 5.98 -2.98
N THR B 313 11.44 5.91 -4.00
CA THR B 313 11.73 5.23 -5.24
C THR B 313 11.88 6.21 -6.43
N SER B 314 11.91 7.51 -6.17
CA SER B 314 11.67 8.54 -7.19
C SER B 314 10.45 8.27 -8.09
N GLY B 315 9.43 7.61 -7.52
CA GLY B 315 8.17 7.38 -8.18
C GLY B 315 8.28 6.25 -9.22
N TYR B 316 9.41 5.55 -9.29
CA TYR B 316 9.58 4.50 -10.30
C TYR B 316 8.87 3.20 -9.98
N ILE B 317 8.55 2.95 -8.69
CA ILE B 317 7.82 1.78 -8.33
C ILE B 317 7.13 2.09 -7.03
N PRO B 318 5.97 1.48 -6.78
CA PRO B 318 5.23 1.80 -5.58
C PRO B 318 5.95 1.32 -4.37
N MET B 319 6.01 2.18 -3.37
CA MET B 319 6.57 1.82 -2.09
C MET B 319 6.35 2.91 -1.14
N GLY B 320 6.10 2.53 0.12
CA GLY B 320 6.03 3.50 1.18
C GLY B 320 6.81 2.96 2.38
N GLY B 321 6.91 3.77 3.43
CA GLY B 321 7.50 3.26 4.66
C GLY B 321 7.16 4.15 5.83
N VAL B 322 7.63 3.73 7.01
CA VAL B 322 7.61 4.55 8.20
C VAL B 322 8.98 4.37 8.85
N ILE B 323 9.69 5.46 9.08
CA ILE B 323 10.99 5.47 9.79
C ILE B 323 10.63 5.76 11.23
N VAL B 324 11.17 4.97 12.14
CA VAL B 324 10.73 5.02 13.53
C VAL B 324 11.91 5.20 14.50
N ARG B 325 11.73 6.09 15.47
CA ARG B 325 12.70 6.29 16.55
C ARG B 325 12.86 5.01 17.37
N ASP B 326 14.12 4.64 17.68
CA ASP B 326 14.44 3.32 18.30
C ASP B 326 13.65 2.98 19.56
N GLU B 327 13.49 3.93 20.45
CA GLU B 327 12.73 3.76 21.72
C GLU B 327 11.29 3.39 21.45
N ILE B 328 10.71 3.91 20.35
CA ILE B 328 9.34 3.61 20.03
C ILE B 328 9.23 2.17 19.66
N VAL B 329 10.17 1.71 18.83
CA VAL B 329 10.19 0.30 18.43
C VAL B 329 10.38 -0.66 19.61
N ASP B 330 11.26 -0.29 20.54
CA ASP B 330 11.53 -1.13 21.71
C ASP B 330 10.24 -1.39 22.49
N THR B 331 9.45 -0.36 22.63
CA THR B 331 8.14 -0.46 23.25
C THR B 331 7.20 -1.31 22.41
N LEU B 332 7.09 -1.00 21.13
CA LEU B 332 6.26 -1.78 20.21
C LEU B 332 6.62 -3.28 20.21
N ASN B 333 7.88 -3.65 20.49
CA ASN B 333 8.31 -5.04 20.60
C ASN B 333 7.87 -5.82 21.87
N GLU B 334 6.83 -5.36 22.58
CA GLU B 334 6.28 -6.03 23.78
C GLU B 334 4.79 -5.88 23.80
N THR B 343 4.60 -8.34 6.16
CA THR B 343 3.64 -7.22 6.19
C THR B 343 4.39 -5.89 6.00
N TYR B 344 5.42 -5.69 6.81
CA TYR B 344 6.28 -4.50 6.80
C TYR B 344 7.71 -4.83 6.32
N SER B 345 7.88 -6.05 5.77
CA SER B 345 9.21 -6.46 5.27
C SER B 345 9.66 -5.66 4.05
N GLY B 346 8.74 -5.24 3.20
CA GLY B 346 9.11 -4.46 2.06
C GLY B 346 9.42 -5.32 0.89
N HIS B 347 8.72 -5.07 -0.17
CA HIS B 347 8.76 -5.97 -1.31
C HIS B 347 10.18 -5.91 -1.92
N PRO B 348 10.82 -7.06 -2.20
CA PRO B 348 12.22 -6.98 -2.62
C PRO B 348 12.49 -6.19 -3.90
N VAL B 349 11.57 -6.26 -4.87
CA VAL B 349 11.71 -5.51 -6.12
C VAL B 349 11.63 -4.03 -5.87
N ALA B 350 10.64 -3.60 -5.11
CA ALA B 350 10.55 -2.20 -4.73
C ALA B 350 11.78 -1.75 -3.94
N ALA B 351 12.22 -2.59 -3.01
CA ALA B 351 13.36 -2.27 -2.19
C ALA B 351 14.64 -2.15 -3.00
N ALA B 352 14.83 -2.99 -4.00
CA ALA B 352 16.02 -2.87 -4.87
C ALA B 352 16.05 -1.54 -5.61
N VAL B 353 14.87 -1.11 -6.06
CA VAL B 353 14.74 0.16 -6.77
C VAL B 353 15.02 1.31 -5.80
N ALA B 354 14.43 1.29 -4.59
CA ALA B 354 14.66 2.35 -3.64
C ALA B 354 16.17 2.43 -3.24
N LEU B 355 16.82 1.30 -3.08
CA LEU B 355 18.23 1.25 -2.67
C LEU B 355 19.11 1.89 -3.75
N GLU B 356 18.87 1.52 -5.00
CA GLU B 356 19.58 2.13 -6.12
C GLU B 356 19.24 3.59 -6.24
N ASN B 357 17.96 3.97 -6.01
CA ASN B 357 17.62 5.36 -6.04
C ASN B 357 18.37 6.17 -4.97
N ILE B 358 18.44 5.68 -3.73
CA ILE B 358 19.15 6.40 -2.71
C ILE B 358 20.67 6.46 -3.03
N ARG B 359 21.21 5.37 -3.52
CA ARG B 359 22.59 5.31 -3.96
C ARG B 359 22.91 6.40 -4.99
N ILE B 360 22.06 6.56 -6.00
CA ILE B 360 22.23 7.61 -6.96
C ILE B 360 22.14 8.99 -6.28
N LEU B 361 21.12 9.20 -5.47
CA LEU B 361 21.00 10.49 -4.77
C LEU B 361 22.28 10.82 -3.94
N ARG B 362 22.89 9.78 -3.37
CA ARG B 362 24.00 9.93 -2.44
C ARG B 362 25.30 10.08 -3.24
N GLU B 363 25.56 9.13 -4.12
CA GLU B 363 26.82 9.05 -4.82
C GLU B 363 27.01 10.12 -5.90
N GLU B 364 25.93 10.61 -6.49
CA GLU B 364 26.00 11.74 -7.40
C GLU B 364 25.80 13.04 -6.71
N LYS B 365 25.75 13.04 -5.39
CA LYS B 365 25.70 14.26 -4.60
C LYS B 365 24.54 15.15 -5.00
N ILE B 366 23.45 14.52 -5.41
CA ILE B 366 22.28 15.27 -5.82
C ILE B 366 21.74 16.10 -4.65
N VAL B 367 21.57 15.53 -3.47
CA VAL B 367 20.99 16.34 -2.37
C VAL B 367 21.98 17.47 -1.95
N GLU B 368 23.29 17.18 -1.97
CA GLU B 368 24.33 18.20 -1.67
C GLU B 368 24.28 19.34 -2.68
N THR B 369 24.16 18.99 -3.94
CA THR B 369 24.06 20.01 -4.99
C THR B 369 22.79 20.84 -4.82
N VAL B 370 21.70 20.20 -4.39
CA VAL B 370 20.49 20.94 -4.17
C VAL B 370 20.72 21.93 -3.10
N LYS B 371 21.29 21.49 -1.99
CA LYS B 371 21.45 22.40 -0.86
C LYS B 371 22.42 23.57 -1.25
N ALA B 372 23.55 23.22 -1.88
CA ALA B 372 24.65 24.18 -2.09
C ALA B 372 24.44 25.08 -3.34
N GLU B 373 23.77 24.58 -4.37
CA GLU B 373 23.66 25.25 -5.69
C GLU B 373 22.23 25.42 -6.24
N THR B 374 21.55 24.29 -6.46
CA THR B 374 20.32 24.29 -7.23
C THR B 374 19.22 25.02 -6.50
N ALA B 375 18.99 24.69 -5.21
CA ALA B 375 17.91 25.34 -4.48
C ALA B 375 18.16 26.83 -4.23
N PRO B 376 19.36 27.22 -3.78
CA PRO B 376 19.58 28.69 -3.69
C PRO B 376 19.28 29.43 -5.03
N TYR B 377 19.67 28.84 -6.14
CA TYR B 377 19.44 29.45 -7.43
C TYR B 377 17.95 29.49 -7.77
N LEU B 378 17.26 28.36 -7.58
CA LEU B 378 15.81 28.33 -7.76
C LEU B 378 15.10 29.36 -6.94
N GLN B 379 15.36 29.41 -5.63
CA GLN B 379 14.63 30.33 -4.73
C GLN B 379 14.91 31.81 -5.06
N LYS B 380 16.16 32.09 -5.44
CA LYS B 380 16.55 33.42 -5.90
C LYS B 380 15.77 33.82 -7.16
N ARG B 381 15.75 32.97 -8.17
CA ARG B 381 15.00 33.28 -9.40
C ARG B 381 13.49 33.34 -9.16
N TRP B 382 12.98 32.43 -8.38
CA TRP B 382 11.56 32.42 -7.98
C TRP B 382 11.12 33.73 -7.32
N GLN B 383 11.95 34.30 -6.44
CA GLN B 383 11.71 35.65 -5.86
C GLN B 383 11.50 36.77 -6.86
N GLU B 384 12.23 36.72 -7.96
CA GLU B 384 12.03 37.70 -9.04
C GLU B 384 10.57 37.81 -9.46
N LEU B 385 9.78 36.73 -9.34
CA LEU B 385 8.38 36.75 -9.75
C LEU B 385 7.50 37.52 -8.82
N ALA B 386 7.99 37.77 -7.62
CA ALA B 386 7.34 38.67 -6.67
C ALA B 386 7.09 40.07 -7.23
N ASP B 387 7.92 40.50 -8.20
CA ASP B 387 7.73 41.81 -8.84
C ASP B 387 6.52 41.83 -9.77
N HIS B 388 5.98 40.67 -10.13
CA HIS B 388 4.99 40.62 -11.16
C HIS B 388 3.70 41.20 -10.62
N PRO B 389 2.96 41.97 -11.45
CA PRO B 389 1.76 42.63 -10.91
C PRO B 389 0.69 41.69 -10.30
N LEU B 390 0.71 40.44 -10.73
CA LEU B 390 -0.24 39.42 -10.29
C LEU B 390 0.14 38.72 -8.97
N VAL B 391 1.39 38.84 -8.53
CA VAL B 391 1.97 38.01 -7.48
C VAL B 391 2.04 38.75 -6.15
N GLY B 392 1.25 38.29 -5.18
CA GLY B 392 1.22 38.86 -3.82
C GLY B 392 2.35 38.36 -2.93
N GLU B 393 2.85 37.15 -3.19
CA GLU B 393 3.97 36.57 -2.46
C GLU B 393 4.55 35.43 -3.27
N ALA B 394 5.87 35.35 -3.23
CA ALA B 394 6.60 34.23 -3.70
C ALA B 394 7.34 33.65 -2.50
N ARG B 395 7.20 32.34 -2.27
CA ARG B 395 7.87 31.63 -1.16
C ARG B 395 8.31 30.26 -1.62
N GLY B 396 9.20 29.68 -0.82
CA GLY B 396 9.72 28.39 -1.10
C GLY B 396 10.85 27.98 -0.24
N VAL B 397 11.18 26.70 -0.30
CA VAL B 397 12.31 26.15 0.43
C VAL B 397 12.77 25.07 -0.42
N GLY B 398 14.08 24.90 -0.51
CA GLY B 398 14.66 23.84 -1.28
C GLY B 398 14.10 23.85 -2.69
N MET B 399 13.54 22.71 -3.13
CA MET B 399 12.97 22.51 -4.46
C MET B 399 11.45 22.50 -4.47
N VAL B 400 10.82 23.32 -3.60
CA VAL B 400 9.43 23.63 -3.73
C VAL B 400 9.18 25.10 -3.68
N GLY B 401 8.08 25.51 -4.31
CA GLY B 401 7.71 26.94 -4.26
C GLY B 401 6.27 27.23 -4.57
N ALA B 402 5.83 28.39 -4.12
CA ALA B 402 4.49 28.84 -4.34
C ALA B 402 4.47 30.31 -4.75
N LEU B 403 3.41 30.69 -5.44
CA LEU B 403 3.12 32.07 -5.81
C LEU B 403 1.69 32.32 -5.47
N GLU B 404 1.39 33.39 -4.77
CA GLU B 404 0.02 33.77 -4.52
C GLU B 404 -0.47 34.78 -5.57
N LEU B 405 -1.49 34.42 -6.29
CA LEU B 405 -2.07 35.28 -7.31
C LEU B 405 -3.20 36.08 -6.66
N VAL B 406 -3.07 37.40 -6.68
CA VAL B 406 -4.02 38.32 -6.06
C VAL B 406 -4.36 39.51 -6.98
N LYS B 407 -5.49 40.16 -6.69
CA LYS B 407 -5.93 41.35 -7.44
C LYS B 407 -5.38 42.62 -6.82
N ASN B 408 -4.94 42.55 -5.58
CA ASN B 408 -4.46 43.68 -4.82
C ASN B 408 -3.40 43.23 -3.82
N LYS B 409 -2.16 43.63 -4.05
CA LYS B 409 -1.06 43.22 -3.18
C LYS B 409 -1.12 43.76 -1.75
N LYS B 410 -1.74 44.93 -1.53
CA LYS B 410 -1.75 45.48 -0.18
C LYS B 410 -2.79 44.79 0.68
N THR B 411 -4.02 44.63 0.18
CA THR B 411 -5.07 43.92 0.96
C THR B 411 -5.08 42.37 0.80
N ARG B 412 -4.35 41.82 -0.19
CA ARG B 412 -4.39 40.39 -0.55
C ARG B 412 -5.77 39.96 -1.01
N GLU B 413 -6.49 40.88 -1.62
CA GLU B 413 -7.78 40.58 -2.14
C GLU B 413 -7.55 39.71 -3.38
N ARG B 414 -8.39 38.70 -3.51
CA ARG B 414 -8.33 37.75 -4.58
C ARG B 414 -9.25 38.17 -5.68
N PHE B 415 -9.01 37.67 -6.88
CA PHE B 415 -9.94 37.87 -7.97
C PHE B 415 -11.23 37.07 -7.79
N GLU B 416 -12.33 37.63 -8.30
CA GLU B 416 -13.60 36.93 -8.42
C GLU B 416 -13.40 35.95 -9.55
N ASN B 417 -14.14 34.86 -9.50
CA ASN B 417 -13.95 33.70 -10.37
C ASN B 417 -12.64 33.04 -9.88
N GLY B 418 -11.60 33.04 -10.68
CA GLY B 418 -10.44 32.30 -10.29
C GLY B 418 -9.33 32.39 -11.29
N VAL B 419 -8.30 33.12 -10.87
CA VAL B 419 -7.13 33.32 -11.67
C VAL B 419 -6.27 32.03 -11.74
N GLY B 420 -6.23 31.22 -10.68
CA GLY B 420 -5.39 30.05 -10.65
C GLY B 420 -5.70 29.08 -11.78
N MET B 421 -6.97 28.76 -12.00
CA MET B 421 -7.37 27.87 -13.05
C MET B 421 -6.94 28.48 -14.41
N LEU B 422 -7.10 29.79 -14.54
CA LEU B 422 -6.72 30.42 -15.79
C LEU B 422 -5.20 30.35 -16.01
N CYS B 423 -4.45 30.60 -14.94
CA CYS B 423 -2.99 30.50 -15.03
C CYS B 423 -2.55 29.07 -15.37
N ARG B 424 -3.21 28.09 -14.79
CA ARG B 424 -2.89 26.72 -15.05
C ARG B 424 -3.08 26.40 -16.51
N GLU B 425 -4.16 26.91 -17.10
CA GLU B 425 -4.43 26.62 -18.52
C GLU B 425 -3.32 27.19 -19.41
N HIS B 426 -2.82 28.38 -19.06
CA HIS B 426 -1.69 28.98 -19.74
C HIS B 426 -0.43 28.13 -19.53
N CYS B 427 -0.19 27.66 -18.31
CA CYS B 427 0.88 26.68 -18.06
C CYS B 427 0.80 25.46 -19.00
N PHE B 428 -0.38 24.84 -19.04
CA PHE B 428 -0.73 23.68 -19.89
C PHE B 428 -0.38 23.94 -21.39
N ARG B 429 -0.84 25.10 -21.87
CA ARG B 429 -0.61 25.55 -23.26
C ARG B 429 0.83 25.81 -23.53
N ASN B 430 1.52 26.47 -22.60
CA ASN B 430 2.92 26.83 -22.76
C ASN B 430 3.93 25.73 -22.44
N GLY B 431 3.47 24.55 -22.04
CA GLY B 431 4.39 23.45 -21.76
C GLY B 431 5.14 23.50 -20.41
N LEU B 432 4.48 24.04 -19.38
CA LEU B 432 5.06 24.06 -18.03
C LEU B 432 4.05 23.44 -17.12
N ILE B 433 4.48 22.42 -16.35
CA ILE B 433 3.57 21.85 -15.32
C ILE B 433 3.81 22.55 -14.01
N MET B 434 2.85 23.36 -13.61
CA MET B 434 2.83 24.11 -12.39
C MET B 434 1.41 23.88 -11.91
N ARG B 435 1.24 23.41 -10.67
CA ARG B 435 -0.09 23.10 -10.17
C ARG B 435 -0.76 24.39 -9.64
N ALA B 436 -2.08 24.49 -9.82
CA ALA B 436 -2.88 25.53 -9.18
C ALA B 436 -3.63 24.95 -7.99
N VAL B 437 -3.49 25.53 -6.81
CA VAL B 437 -4.26 25.18 -5.65
C VAL B 437 -5.01 26.45 -5.31
N GLY B 438 -6.30 26.50 -5.65
CA GLY B 438 -7.03 27.78 -5.70
C GLY B 438 -6.30 28.83 -6.53
N ASP B 439 -5.92 29.95 -5.92
CA ASP B 439 -5.13 30.98 -6.61
C ASP B 439 -3.68 30.94 -6.19
N THR B 440 -3.18 29.76 -5.80
CA THR B 440 -1.79 29.60 -5.48
C THR B 440 -1.16 28.71 -6.51
N MET B 441 -0.09 29.16 -7.14
CA MET B 441 0.63 28.32 -8.09
C MET B 441 1.80 27.66 -7.39
N ILE B 442 2.05 26.37 -7.67
CA ILE B 442 3.11 25.65 -7.01
C ILE B 442 4.04 24.90 -7.93
N ILE B 443 5.30 24.77 -7.54
CA ILE B 443 6.21 23.90 -8.22
C ILE B 443 6.92 22.98 -7.27
N SER B 444 7.43 21.89 -7.86
CA SER B 444 8.18 20.89 -7.12
C SER B 444 9.03 20.12 -8.11
N PRO B 445 10.07 20.75 -8.69
CA PRO B 445 10.70 20.07 -9.84
C PRO B 445 11.59 18.94 -9.41
N PRO B 446 11.95 18.09 -10.36
CA PRO B 446 12.98 17.10 -10.02
C PRO B 446 14.22 17.74 -9.42
N LEU B 447 14.85 17.05 -8.47
CA LEU B 447 15.97 17.58 -7.70
C LEU B 447 17.24 17.76 -8.59
N VAL B 448 17.30 17.05 -9.69
CA VAL B 448 18.41 17.05 -10.66
C VAL B 448 18.25 18.15 -11.67
N ILE B 449 17.27 19.01 -11.47
CA ILE B 449 17.03 20.07 -12.42
C ILE B 449 18.26 20.99 -12.42
N THR B 450 18.72 21.35 -13.62
CA THR B 450 19.93 22.21 -13.75
C THR B 450 19.56 23.69 -13.76
N LYS B 451 20.59 24.52 -13.58
CA LYS B 451 20.45 25.99 -13.63
C LYS B 451 19.88 26.53 -14.94
N PRO B 452 20.27 25.96 -16.09
CA PRO B 452 19.62 26.39 -17.35
C PRO B 452 18.13 26.01 -17.41
N GLU B 453 17.83 24.81 -16.87
CA GLU B 453 16.44 24.32 -16.78
C GLU B 453 15.60 25.17 -15.84
N ILE B 454 16.20 25.63 -14.74
CA ILE B 454 15.55 26.55 -13.86
C ILE B 454 15.24 27.86 -14.61
N ASP B 455 16.23 28.34 -15.39
CA ASP B 455 15.99 29.54 -16.22
C ASP B 455 14.78 29.34 -17.14
N GLU B 456 14.70 28.18 -17.75
CA GLU B 456 13.56 27.90 -18.61
C GLU B 456 12.24 27.92 -17.85
N LEU B 457 12.26 27.38 -16.63
CA LEU B 457 11.07 27.28 -15.82
C LEU B 457 10.60 28.69 -15.52
N ILE B 458 11.54 29.54 -15.12
CA ILE B 458 11.23 30.91 -14.74
C ILE B 458 10.68 31.76 -15.92
N THR B 459 11.28 31.56 -17.10
CA THR B 459 10.81 32.19 -18.33
C THR B 459 9.40 31.79 -18.64
N LEU B 460 9.14 30.48 -18.67
CA LEU B 460 7.77 29.96 -18.91
C LEU B 460 6.77 30.45 -17.85
N ALA B 461 7.20 30.47 -16.59
CA ALA B 461 6.29 30.93 -15.54
C ALA B 461 5.91 32.40 -15.71
N ARG B 462 6.90 33.22 -16.01
CA ARG B 462 6.65 34.65 -16.24
C ARG B 462 5.71 34.86 -17.43
N LYS B 463 5.93 34.12 -18.50
CA LYS B 463 5.03 34.15 -19.67
C LYS B 463 3.59 33.83 -19.28
N CYS B 464 3.40 32.77 -18.48
CA CYS B 464 2.06 32.37 -18.04
C CYS B 464 1.44 33.43 -17.15
N LEU B 465 2.22 34.04 -16.27
CA LEU B 465 1.70 35.12 -15.45
C LEU B 465 1.29 36.36 -16.32
N ASP B 466 2.13 36.72 -17.29
CA ASP B 466 1.78 37.82 -18.24
C ASP B 466 0.49 37.51 -18.95
N GLN B 467 0.37 36.33 -19.54
CA GLN B 467 -0.84 36.01 -20.27
C GLN B 467 -2.07 36.01 -19.38
N THR B 468 -1.90 35.55 -18.13
CA THR B 468 -3.00 35.55 -17.19
C THR B 468 -3.39 37.02 -16.80
N ALA B 469 -2.39 37.85 -16.48
CA ALA B 469 -2.62 39.30 -16.17
C ALA B 469 -3.36 40.01 -17.31
N ALA B 470 -2.88 39.82 -18.54
CA ALA B 470 -3.54 40.40 -19.75
C ALA B 470 -5.06 40.17 -19.68
N VAL B 471 -5.46 38.92 -19.46
CA VAL B 471 -6.87 38.55 -19.37
C VAL B 471 -7.56 39.07 -18.11
N ALA B 472 -6.82 39.17 -17.01
CA ALA B 472 -7.41 39.51 -15.73
C ALA B 472 -7.28 40.98 -15.26
N LEU B 473 -6.22 41.69 -15.64
CA LEU B 473 -5.93 43.04 -15.15
C LEU B 473 -6.46 44.06 -16.14
CA CA C . -22.58 -13.79 -18.57
CA CA D . 21.21 6.55 12.06
#